data_5MYD
#
_entry.id   5MYD
#
_cell.length_a   69.890
_cell.length_b   81.440
_cell.length_c   81.530
_cell.angle_alpha   90.00
_cell.angle_beta   106.92
_cell.angle_gamma   90.00
#
_symmetry.space_group_name_H-M   'P 1 21 1'
#
loop_
_entity.id
_entity.type
_entity.pdbx_description
1 polymer DUTPase
2 non-polymer "2'-DEOXYURIDINE 5'-ALPHA,BETA-IMIDO-TRIPHOSPHATE"
3 non-polymer 'MAGNESIUM ION'
4 water water
#
_entity_poly.entity_id   1
_entity_poly.type   'polypeptide(L)'
_entity_poly.pdbx_seq_one_letter_code
;MGSSHHHHHHSSGLVPRGSHMASMTGGQQMGRGSMTNTLTTDQLQELLQIQKEFDDRIPTLNLGDSKIAYVVEFFEWFNT
LETFKNWKKKPGKPLDVQLDELADILAFGLSIANQQGFEEYDRDLFFESFDEEYFLDFPYLRNQDMIYDMMSEFYDDDLT
SIRRLVIVFKIAEQLYTIDQLIDAYKKKMKRNHERQDGTADAGKGYV
;
_entity_poly.pdbx_strand_id   A,B,C,D
#
# COMPACT_ATOMS: atom_id res chain seq x y z
N MET A 35 -13.82 3.09 1.23
N MET A 35 -11.71 3.88 1.91
CA MET A 35 -13.23 3.74 2.45
CA MET A 35 -13.09 3.80 2.44
C MET A 35 -13.25 2.88 3.69
C MET A 35 -13.21 2.89 3.67
N THR A 36 -13.11 1.58 3.48
CA THR A 36 -13.45 0.64 4.52
C THR A 36 -12.34 0.40 5.50
N ASN A 37 -11.25 1.14 5.37
CA ASN A 37 -10.08 0.86 6.18
C ASN A 37 -9.46 2.13 6.75
N THR A 38 -10.32 2.96 7.35
CA THR A 38 -9.94 4.17 8.06
C THR A 38 -10.81 4.24 9.33
N LEU A 39 -10.32 4.93 10.35
CA LEU A 39 -11.02 5.05 11.62
C LEU A 39 -11.25 6.51 11.90
N THR A 40 -12.49 6.88 12.15
CA THR A 40 -12.83 8.26 12.49
C THR A 40 -12.96 8.40 13.99
N THR A 41 -12.93 9.63 14.45
CA THR A 41 -13.08 9.94 15.87
C THR A 41 -14.48 9.54 16.37
N ASP A 42 -15.51 9.65 15.51
CA ASP A 42 -16.86 9.20 15.86
C ASP A 42 -16.93 7.67 16.06
N GLN A 43 -16.32 6.92 15.16
CA GLN A 43 -16.23 5.47 15.30
C GLN A 43 -15.51 5.08 16.60
N LEU A 44 -14.37 5.68 16.87
CA LEU A 44 -13.64 5.40 18.10
C LEU A 44 -14.50 5.70 19.33
N GLN A 45 -15.18 6.83 19.32
CA GLN A 45 -16.05 7.20 20.45
C GLN A 45 -17.26 6.29 20.67
N GLU A 46 -17.85 5.82 19.56
CA GLU A 46 -18.91 4.81 19.63
C GLU A 46 -18.38 3.50 20.25
N LEU A 47 -17.19 3.05 19.79
CA LEU A 47 -16.56 1.82 20.34
C LEU A 47 -16.32 1.94 21.83
N LEU A 48 -15.81 3.10 22.26
CA LEU A 48 -15.59 3.35 23.69
C LEU A 48 -16.89 3.31 24.48
N GLN A 49 -17.96 3.84 23.90
CA GLN A 49 -19.29 3.84 24.54
C GLN A 49 -19.88 2.42 24.63
N ILE A 50 -19.80 1.67 23.53
CA ILE A 50 -20.20 0.25 23.56
C ILE A 50 -19.46 -0.52 24.68
N GLN A 51 -18.15 -0.32 24.78
CA GLN A 51 -17.35 -1.02 25.79
C GLN A 51 -17.73 -0.61 27.21
N LYS A 52 -17.93 0.70 27.40
CA LYS A 52 -18.32 1.24 28.70
C LYS A 52 -19.65 0.66 29.17
N GLU A 53 -20.63 0.57 28.26
CA GLU A 53 -21.94 0.02 28.63
C GLU A 53 -21.86 -1.47 29.03
N PHE A 54 -20.98 -2.24 28.39
CA PHE A 54 -20.75 -3.63 28.82
C PHE A 54 -20.01 -3.72 30.16
N ASP A 55 -18.87 -3.06 30.25
CA ASP A 55 -18.09 -3.05 31.50
C ASP A 55 -18.87 -2.52 32.72
N ASP A 56 -19.83 -1.63 32.50
CA ASP A 56 -20.80 -1.20 33.54
C ASP A 56 -21.54 -2.37 34.23
N ARG A 57 -21.74 -3.48 33.52
CA ARG A 57 -22.39 -4.68 34.08
C ARG A 57 -21.46 -5.57 34.97
N ILE A 58 -20.17 -5.22 35.07
CA ILE A 58 -19.17 -6.07 35.69
C ILE A 58 -18.61 -5.38 36.94
N PRO A 59 -19.18 -5.66 38.13
CA PRO A 59 -18.74 -4.94 39.33
C PRO A 59 -17.32 -5.28 39.82
N THR A 60 -16.79 -6.44 39.40
CA THR A 60 -15.39 -6.81 39.69
C THR A 60 -14.36 -6.18 38.75
N LEU A 61 -14.81 -5.33 37.81
CA LEU A 61 -13.93 -4.68 36.83
C LEU A 61 -12.67 -4.17 37.50
N ASN A 62 -11.52 -4.60 36.96
CA ASN A 62 -10.21 -4.41 37.59
C ASN A 62 -9.16 -4.15 36.52
N LEU A 63 -8.38 -3.09 36.70
CA LEU A 63 -7.41 -2.64 35.68
C LEU A 63 -6.25 -3.61 35.47
N GLY A 64 -5.70 -4.16 36.55
CA GLY A 64 -4.65 -5.19 36.45
C GLY A 64 -5.11 -6.40 35.68
N ASP A 65 -6.31 -6.87 35.99
CA ASP A 65 -6.89 -8.02 35.27
C ASP A 65 -7.15 -7.74 33.81
N SER A 66 -7.71 -6.55 33.50
CA SER A 66 -7.95 -6.16 32.11
C SER A 66 -6.66 -6.04 31.29
N LYS A 67 -5.59 -5.55 31.92
CA LYS A 67 -4.25 -5.50 31.28
C LYS A 67 -3.67 -6.89 30.99
N ILE A 68 -3.80 -7.80 31.96
CA ILE A 68 -3.40 -9.19 31.76
C ILE A 68 -4.24 -9.77 30.63
N ALA A 69 -5.56 -9.51 30.66
CA ALA A 69 -6.50 -10.05 29.69
C ALA A 69 -6.16 -9.65 28.27
N TYR A 70 -5.81 -8.38 28.10
CA TYR A 70 -5.32 -7.87 26.80
C TYR A 70 -4.18 -8.72 26.27
N VAL A 71 -3.20 -9.01 27.13
CA VAL A 71 -2.02 -9.76 26.72
C VAL A 71 -2.38 -11.21 26.34
N VAL A 72 -3.25 -11.83 27.14
CA VAL A 72 -3.67 -13.21 26.88
C VAL A 72 -4.44 -13.28 25.59
N GLU A 73 -5.36 -12.33 25.36
CA GLU A 73 -6.11 -12.30 24.10
C GLU A 73 -5.19 -12.07 22.90
N PHE A 74 -4.15 -11.28 23.09
CA PHE A 74 -3.20 -11.06 22.01
C PHE A 74 -2.57 -12.38 21.57
N PHE A 75 -2.18 -13.21 22.53
CA PHE A 75 -1.65 -14.53 22.22
C PHE A 75 -2.69 -15.45 21.63
N GLU A 76 -3.92 -15.44 22.15
CA GLU A 76 -5.03 -16.22 21.53
C GLU A 76 -5.16 -15.82 20.06
N TRP A 77 -5.11 -14.51 19.77
CA TRP A 77 -5.17 -14.04 18.38
C TRP A 77 -3.96 -14.49 17.56
N PHE A 78 -2.78 -14.37 18.15
CA PHE A 78 -1.54 -14.73 17.46
C PHE A 78 -1.56 -16.23 17.11
N ASN A 79 -2.17 -17.02 17.98
CA ASN A 79 -2.34 -18.45 17.71
C ASN A 79 -3.23 -18.74 16.50
N THR A 80 -4.19 -17.86 16.18
CA THR A 80 -5.03 -18.06 15.00
C THR A 80 -4.32 -17.74 13.70
N LEU A 81 -3.27 -16.94 13.82
CA LEU A 81 -2.51 -16.50 12.66
C LEU A 81 -1.57 -17.61 12.19
N GLU A 82 -0.97 -18.33 13.13
CA GLU A 82 -0.20 -19.56 12.89
C GLU A 82 1.06 -19.38 12.03
N THR A 83 1.70 -18.22 12.16
CA THR A 83 2.90 -17.93 11.37
C THR A 83 4.12 -18.70 11.81
N PHE A 84 4.08 -19.28 13.01
CA PHE A 84 5.15 -20.12 13.56
C PHE A 84 4.89 -21.61 13.36
N LYS A 85 3.74 -21.97 12.80
CA LYS A 85 3.32 -23.39 12.77
C LYS A 85 3.72 -24.02 11.47
N ASN A 86 5.02 -24.22 11.32
CA ASN A 86 5.59 -24.81 10.11
C ASN A 86 5.11 -26.23 9.77
N TRP A 87 4.49 -26.90 10.73
CA TRP A 87 3.96 -28.26 10.58
C TRP A 87 2.55 -28.34 9.93
N LYS A 88 1.90 -27.21 9.71
CA LYS A 88 0.57 -27.18 9.06
C LYS A 88 0.71 -27.19 7.56
N LYS A 89 -0.08 -28.04 6.89
CA LYS A 89 -0.24 -27.94 5.44
C LYS A 89 -0.75 -26.55 5.00
N LYS A 90 -1.82 -26.07 5.63
CA LYS A 90 -2.45 -24.77 5.30
C LYS A 90 -2.66 -23.94 6.60
N PRO A 91 -1.62 -23.19 7.05
CA PRO A 91 -1.68 -22.50 8.33
C PRO A 91 -2.51 -21.25 8.26
N GLY A 92 -3.19 -20.92 9.35
CA GLY A 92 -4.09 -19.79 9.45
C GLY A 92 -5.48 -20.32 9.66
N LYS A 93 -6.08 -20.00 10.80
CA LYS A 93 -7.48 -20.35 11.05
C LYS A 93 -8.39 -19.50 10.16
N PRO A 94 -9.70 -19.82 10.13
CA PRO A 94 -10.55 -19.00 9.24
C PRO A 94 -10.64 -17.54 9.65
N LEU A 95 -10.84 -16.66 8.68
CA LEU A 95 -10.86 -15.22 8.88
C LEU A 95 -11.76 -14.79 10.05
N ASP A 96 -12.99 -15.29 10.05
CA ASP A 96 -13.94 -14.94 11.09
C ASP A 96 -13.42 -15.31 12.47
N VAL A 97 -12.70 -16.43 12.56
CA VAL A 97 -12.11 -16.83 13.83
C VAL A 97 -11.00 -15.85 14.19
N GLN A 98 -10.18 -15.48 13.22
CA GLN A 98 -9.09 -14.54 13.47
C GLN A 98 -9.60 -13.17 13.92
N LEU A 99 -10.69 -12.71 13.29
CA LEU A 99 -11.27 -11.41 13.59
C LEU A 99 -12.00 -11.39 14.92
N ASP A 100 -12.66 -12.51 15.24
CA ASP A 100 -13.26 -12.68 16.55
C ASP A 100 -12.22 -12.52 17.67
N GLU A 101 -11.04 -13.16 17.53
CA GLU A 101 -9.98 -13.04 18.53
C GLU A 101 -9.37 -11.66 18.54
N LEU A 102 -9.19 -11.08 17.36
CA LEU A 102 -8.74 -9.69 17.28
C LEU A 102 -9.75 -8.75 17.99
N ALA A 103 -11.05 -9.02 17.87
CA ALA A 103 -12.08 -8.21 18.55
C ALA A 103 -11.98 -8.28 20.08
N ASP A 104 -11.59 -9.43 20.62
CA ASP A 104 -11.35 -9.57 22.06
C ASP A 104 -10.21 -8.69 22.54
N ILE A 105 -9.17 -8.51 21.72
CA ILE A 105 -8.07 -7.62 22.07
C ILE A 105 -8.57 -6.18 22.10
N LEU A 106 -9.29 -5.77 21.06
CA LEU A 106 -9.89 -4.43 21.01
C LEU A 106 -10.68 -4.15 22.26
N ALA A 107 -11.49 -5.11 22.66
CA ALA A 107 -12.39 -4.92 23.82
C ALA A 107 -11.64 -4.54 25.08
N PHE A 108 -10.59 -5.30 25.38
CA PHE A 108 -9.77 -4.99 26.54
C PHE A 108 -8.97 -3.70 26.37
N GLY A 109 -8.54 -3.41 25.14
CA GLY A 109 -7.89 -2.15 24.84
C GLY A 109 -8.83 -0.96 25.08
N LEU A 110 -10.06 -1.06 24.58
CA LEU A 110 -11.10 -0.05 24.87
C LEU A 110 -11.42 0.03 26.35
N SER A 111 -11.50 -1.13 26.99
CA SER A 111 -11.79 -1.19 28.43
C SER A 111 -10.71 -0.50 29.26
N ILE A 112 -9.44 -0.80 28.98
CA ILE A 112 -8.32 -0.16 29.68
C ILE A 112 -8.39 1.37 29.45
N ALA A 113 -8.64 1.78 28.22
CA ALA A 113 -8.81 3.21 27.89
C ALA A 113 -9.87 3.91 28.76
N ASN A 114 -11.08 3.34 28.83
CA ASN A 114 -12.16 3.91 29.64
C ASN A 114 -11.84 3.92 31.12
N GLN A 115 -11.26 2.82 31.60
CA GLN A 115 -10.92 2.68 33.02
C GLN A 115 -9.89 3.70 33.47
N GLN A 116 -8.94 4.02 32.60
CA GLN A 116 -7.92 5.03 32.89
C GLN A 116 -8.40 6.47 32.65
N GLY A 117 -9.44 6.63 31.83
CA GLY A 117 -9.97 7.96 31.44
C GLY A 117 -9.42 8.30 30.07
N PHE A 118 -10.31 8.56 29.11
CA PHE A 118 -9.92 8.79 27.73
C PHE A 118 -10.67 10.00 27.18
N GLU A 119 -10.05 11.17 27.31
CA GLU A 119 -10.63 12.44 26.91
C GLU A 119 -10.23 12.79 25.48
N GLU A 120 -10.59 14.00 25.06
CA GLU A 120 -10.20 14.55 23.76
C GLU A 120 -8.70 14.56 23.49
N TYR A 121 -7.92 15.03 24.47
CA TYR A 121 -6.46 15.06 24.35
C TYR A 121 -5.89 13.64 24.11
N ASP A 122 -6.53 12.64 24.71
CA ASP A 122 -6.13 11.24 24.52
C ASP A 122 -6.49 10.74 23.13
N ARG A 123 -7.66 11.15 22.64
CA ARG A 123 -8.09 10.82 21.29
C ARG A 123 -7.16 11.49 20.26
N ASP A 124 -6.87 12.78 20.45
CA ASP A 124 -5.91 13.49 19.60
C ASP A 124 -4.58 12.73 19.48
N LEU A 125 -4.03 12.35 20.63
CA LEU A 125 -2.73 11.71 20.68
C LEU A 125 -2.76 10.33 20.02
N PHE A 126 -3.89 9.62 20.16
CA PHE A 126 -4.07 8.34 19.50
C PHE A 126 -3.96 8.45 17.99
N PHE A 127 -4.72 9.36 17.40
CA PHE A 127 -4.69 9.53 15.94
C PHE A 127 -3.33 10.02 15.43
N GLU A 128 -2.66 10.85 16.23
CA GLU A 128 -1.29 11.23 15.92
C GLU A 128 -0.34 10.00 15.99
N SER A 129 -0.44 9.17 17.03
CA SER A 129 0.39 7.95 17.12
C SER A 129 0.10 6.98 15.99
N PHE A 130 -1.18 6.77 15.71
CA PHE A 130 -1.57 5.88 14.63
C PHE A 130 -1.00 6.33 13.29
N ASP A 131 -1.22 7.60 12.96
CA ASP A 131 -0.70 8.22 11.74
C ASP A 131 0.82 8.19 11.65
N GLU A 132 1.50 8.26 12.80
CA GLU A 132 2.97 8.31 12.86
C GLU A 132 3.62 6.93 13.05
N GLU A 133 2.82 5.87 12.98
CA GLU A 133 3.34 4.50 13.16
C GLU A 133 3.79 3.94 11.82
N TYR A 134 5.10 3.73 11.68
CA TYR A 134 5.68 3.28 10.40
C TYR A 134 6.23 1.85 10.39
N PHE A 135 6.35 1.24 11.57
CA PHE A 135 6.96 -0.09 11.72
C PHE A 135 5.97 -1.24 11.80
N LEU A 136 4.75 -1.00 12.31
CA LEU A 136 3.76 -2.07 12.37
C LEU A 136 2.99 -2.27 11.05
N ASP A 137 3.69 -2.78 10.04
CA ASP A 137 3.11 -3.03 8.72
C ASP A 137 2.94 -4.54 8.47
N PHE A 138 2.40 -4.89 7.31
CA PHE A 138 2.07 -6.29 6.96
C PHE A 138 3.26 -7.28 7.13
N PRO A 139 4.41 -7.03 6.47
CA PRO A 139 5.54 -8.00 6.59
C PRO A 139 6.03 -8.18 8.01
N TYR A 140 6.06 -7.09 8.77
CA TYR A 140 6.45 -7.17 10.17
C TYR A 140 5.47 -8.04 10.96
N LEU A 141 4.18 -7.77 10.78
CA LEU A 141 3.15 -8.47 11.55
C LEU A 141 2.99 -9.96 11.16
N ARG A 142 3.39 -10.32 9.94
CA ARG A 142 3.42 -11.70 9.46
C ARG A 142 4.66 -12.50 9.91
N ASN A 143 5.65 -11.82 10.50
CA ASN A 143 6.87 -12.46 10.94
C ASN A 143 6.61 -12.99 12.33
N GLN A 144 6.78 -14.31 12.52
CA GLN A 144 6.57 -14.97 13.81
C GLN A 144 7.40 -14.35 14.95
N ASP A 145 8.56 -13.81 14.63
CA ASP A 145 9.42 -13.16 15.64
C ASP A 145 8.85 -11.86 16.24
N MET A 146 7.88 -11.25 15.60
CA MET A 146 7.22 -10.06 16.17
C MET A 146 6.70 -10.30 17.58
N ILE A 147 6.31 -11.53 17.88
CA ILE A 147 5.80 -11.85 19.21
C ILE A 147 6.76 -11.47 20.35
N TYR A 148 8.07 -11.57 20.12
CA TYR A 148 9.06 -11.15 21.13
C TYR A 148 9.03 -9.65 21.38
N ASP A 149 8.92 -8.87 20.32
CA ASP A 149 8.81 -7.41 20.44
C ASP A 149 7.59 -7.05 21.25
N MET A 150 6.47 -7.72 20.95
CA MET A 150 5.22 -7.47 21.62
C MET A 150 5.30 -7.80 23.09
N MET A 151 5.96 -8.92 23.42
CA MET A 151 6.17 -9.33 24.81
CA MET A 151 6.17 -9.33 24.81
C MET A 151 6.91 -8.26 25.57
N SER A 152 7.99 -7.75 24.99
CA SER A 152 8.76 -6.65 25.60
C SER A 152 7.90 -5.45 25.95
N GLU A 153 7.07 -5.03 25.00
CA GLU A 153 6.12 -3.96 25.24
C GLU A 153 5.09 -4.33 26.34
N PHE A 154 4.66 -5.58 26.35
CA PHE A 154 3.68 -6.03 27.34
C PHE A 154 4.19 -6.12 28.79
N TYR A 155 5.48 -6.38 29.03
CA TYR A 155 6.00 -6.39 30.43
C TYR A 155 6.51 -5.01 30.90
N ASP A 156 6.63 -4.05 29.97
CA ASP A 156 6.93 -2.67 30.31
C ASP A 156 5.72 -2.05 31.00
N ASP A 157 5.93 -1.61 32.24
CA ASP A 157 4.87 -0.99 33.04
C ASP A 157 4.46 0.40 32.55
N ASP A 158 5.29 1.00 31.69
CA ASP A 158 4.96 2.25 31.01
C ASP A 158 4.09 2.09 29.75
N LEU A 159 3.79 0.86 29.33
CA LEU A 159 2.85 0.65 28.21
C LEU A 159 1.58 1.48 28.40
N THR A 160 1.22 2.26 27.38
CA THR A 160 0.06 3.16 27.49
C THR A 160 -1.18 2.55 26.87
N SER A 161 -2.32 3.07 27.31
CA SER A 161 -3.61 2.73 26.72
C SER A 161 -3.68 3.12 25.24
N ILE A 162 -3.07 4.24 24.90
CA ILE A 162 -3.02 4.67 23.50
C ILE A 162 -2.27 3.64 22.65
N ARG A 163 -1.12 3.19 23.14
CA ARG A 163 -0.27 2.23 22.41
C ARG A 163 -1.00 0.92 22.13
N ARG A 164 -1.67 0.41 23.16
CA ARG A 164 -2.47 -0.82 23.02
C ARG A 164 -3.50 -0.71 21.93
N LEU A 165 -4.10 0.47 21.78
CA LEU A 165 -5.08 0.71 20.73
C LEU A 165 -4.43 0.86 19.37
N VAL A 166 -3.30 1.55 19.31
CA VAL A 166 -2.55 1.65 18.07
C VAL A 166 -2.19 0.24 17.56
N ILE A 167 -1.74 -0.65 18.45
CA ILE A 167 -1.35 -2.01 18.05
C ILE A 167 -2.52 -2.72 17.37
N VAL A 168 -3.66 -2.77 18.05
CA VAL A 168 -4.80 -3.52 17.54
C VAL A 168 -5.37 -2.92 16.25
N PHE A 169 -5.43 -1.60 16.18
CA PHE A 169 -5.94 -0.99 14.97
C PHE A 169 -4.98 -1.14 13.80
N LYS A 170 -3.69 -1.09 14.04
CA LYS A 170 -2.73 -1.33 12.95
C LYS A 170 -2.77 -2.77 12.45
N ILE A 171 -3.04 -3.73 13.33
CA ILE A 171 -3.20 -5.12 12.88
C ILE A 171 -4.41 -5.22 11.98
N ALA A 172 -5.49 -4.59 12.39
CA ALA A 172 -6.72 -4.54 11.59
C ALA A 172 -6.49 -3.89 10.25
N GLU A 173 -5.85 -2.72 10.27
CA GLU A 173 -5.55 -1.98 9.04
C GLU A 173 -4.69 -2.77 8.04
N GLN A 174 -3.67 -3.45 8.56
CA GLN A 174 -2.64 -4.07 7.72
C GLN A 174 -2.97 -5.50 7.31
N LEU A 175 -3.51 -6.29 8.25
CA LEU A 175 -3.80 -7.69 7.98
C LEU A 175 -5.23 -7.91 7.56
N TYR A 176 -6.15 -7.08 8.05
CA TYR A 176 -7.57 -7.24 7.79
C TYR A 176 -8.08 -5.92 7.19
N THR A 177 -9.26 -5.45 7.60
CA THR A 177 -9.61 -4.03 7.55
C THR A 177 -10.17 -3.60 8.91
N ILE A 178 -10.09 -2.30 9.17
CA ILE A 178 -10.64 -1.68 10.38
C ILE A 178 -12.14 -1.98 10.46
N ASP A 179 -12.83 -1.80 9.33
CA ASP A 179 -14.25 -2.15 9.19
C ASP A 179 -14.58 -3.58 9.62
N GLN A 180 -13.77 -4.55 9.19
CA GLN A 180 -13.99 -5.94 9.59
C GLN A 180 -13.80 -6.12 11.09
N LEU A 181 -12.80 -5.46 11.67
CA LEU A 181 -12.61 -5.50 13.12
C LEU A 181 -13.84 -4.93 13.83
N ILE A 182 -14.27 -3.75 13.41
CA ILE A 182 -15.44 -3.09 14.04
C ILE A 182 -16.67 -3.99 13.96
N ASP A 183 -16.93 -4.54 12.78
CA ASP A 183 -18.03 -5.50 12.54
C ASP A 183 -17.92 -6.68 13.51
N ALA A 184 -16.75 -7.31 13.58
CA ALA A 184 -16.54 -8.47 14.46
C ALA A 184 -16.70 -8.09 15.92
N TYR A 185 -16.22 -6.89 16.29
CA TYR A 185 -16.39 -6.40 17.67
C TYR A 185 -17.85 -6.22 18.05
N LYS A 186 -18.61 -5.58 17.17
CA LYS A 186 -20.04 -5.36 17.45
C LYS A 186 -20.78 -6.67 17.62
N LYS A 187 -20.56 -7.62 16.69
CA LYS A 187 -21.09 -9.00 16.85
C LYS A 187 -20.71 -9.61 18.20
N LYS A 188 -19.42 -9.60 18.52
CA LYS A 188 -18.94 -10.20 19.76
C LYS A 188 -19.55 -9.54 21.00
N MET A 189 -19.67 -8.22 20.99
CA MET A 189 -20.24 -7.50 22.14
C MET A 189 -21.72 -7.85 22.37
N LYS A 190 -22.48 -8.01 21.29
CA LYS A 190 -23.87 -8.50 21.38
C LYS A 190 -23.91 -9.91 22.00
N ARG A 191 -23.08 -10.82 21.52
CA ARG A 191 -22.94 -12.15 22.11
C ARG A 191 -22.53 -12.08 23.59
N ASN A 192 -21.54 -11.24 23.91
CA ASN A 192 -21.11 -11.01 25.30
C ASN A 192 -22.25 -10.52 26.21
N HIS A 193 -23.11 -9.64 25.69
CA HIS A 193 -24.28 -9.19 26.45
C HIS A 193 -25.23 -10.38 26.79
N GLU A 194 -25.35 -11.37 25.90
CA GLU A 194 -26.11 -12.60 26.20
C GLU A 194 -25.25 -13.61 26.98
N THR B 36 -4.56 22.41 11.56
CA THR B 36 -4.02 23.52 10.73
C THR B 36 -5.01 24.03 9.69
N ASN B 37 -4.60 25.09 9.03
CA ASN B 37 -5.49 25.83 8.18
C ASN B 37 -4.85 26.24 6.87
N THR B 38 -4.23 25.25 6.22
CA THR B 38 -3.61 25.38 4.92
C THR B 38 -4.01 24.12 4.15
N LEU B 39 -4.00 24.20 2.83
CA LEU B 39 -4.28 23.05 1.97
C LEU B 39 -3.10 22.78 1.06
N THR B 40 -2.60 21.55 1.05
CA THR B 40 -1.50 21.18 0.15
C THR B 40 -2.06 20.47 -1.05
N THR B 41 -1.22 20.36 -2.07
CA THR B 41 -1.60 19.69 -3.30
C THR B 41 -1.86 18.20 -3.07
N ASP B 42 -1.11 17.59 -2.14
CA ASP B 42 -1.34 16.19 -1.76
C ASP B 42 -2.72 15.97 -1.10
N GLN B 43 -3.07 16.84 -0.16
CA GLN B 43 -4.40 16.82 0.44
C GLN B 43 -5.51 16.97 -0.62
N LEU B 44 -5.37 17.95 -1.50
CA LEU B 44 -6.36 18.15 -2.57
C LEU B 44 -6.48 16.89 -3.44
N GLN B 45 -5.34 16.32 -3.84
CA GLN B 45 -5.34 15.09 -4.66
C GLN B 45 -5.93 13.83 -3.98
N GLU B 46 -5.70 13.69 -2.67
CA GLU B 46 -6.38 12.68 -1.87
C GLU B 46 -7.91 12.88 -1.86
N LEU B 47 -8.35 14.11 -1.60
CA LEU B 47 -9.79 14.44 -1.59
C LEU B 47 -10.45 14.12 -2.93
N LEU B 48 -9.79 14.48 -4.03
CA LEU B 48 -10.32 14.15 -5.36
C LEU B 48 -10.43 12.64 -5.56
N GLN B 49 -9.46 11.89 -5.05
CA GLN B 49 -9.47 10.45 -5.16
C GLN B 49 -10.61 9.81 -4.32
N ILE B 50 -10.75 10.26 -3.08
CA ILE B 50 -11.85 9.80 -2.23
C ILE B 50 -13.20 10.03 -2.96
N GLN B 51 -13.36 11.21 -3.55
CA GLN B 51 -14.61 11.54 -4.24
C GLN B 51 -14.83 10.67 -5.45
N LYS B 52 -13.75 10.47 -6.22
CA LYS B 52 -13.81 9.61 -7.42
C LYS B 52 -14.25 8.18 -7.07
N GLU B 53 -13.70 7.63 -6.00
CA GLU B 53 -14.04 6.26 -5.61
C GLU B 53 -15.50 6.12 -5.15
N PHE B 54 -16.06 7.14 -4.52
CA PHE B 54 -17.50 7.13 -4.23
C PHE B 54 -18.35 7.29 -5.50
N ASP B 55 -18.07 8.33 -6.27
CA ASP B 55 -18.83 8.59 -7.50
C ASP B 55 -18.78 7.43 -8.51
N ASP B 56 -17.70 6.65 -8.49
CA ASP B 56 -17.62 5.37 -9.24
C ASP B 56 -18.78 4.39 -8.96
N ARG B 57 -19.35 4.43 -7.76
CA ARG B 57 -20.51 3.59 -7.38
C ARG B 57 -21.88 4.09 -7.89
N ILE B 58 -21.92 5.24 -8.56
CA ILE B 58 -23.15 5.90 -8.94
C ILE B 58 -23.27 5.96 -10.47
N PRO B 59 -23.93 4.96 -11.09
CA PRO B 59 -23.94 4.90 -12.56
C PRO B 59 -24.77 6.01 -13.24
N THR B 60 -25.70 6.62 -12.49
CA THR B 60 -26.45 7.78 -12.98
C THR B 60 -25.69 9.11 -12.86
N LEU B 61 -24.43 9.10 -12.40
CA LEU B 61 -23.63 10.32 -12.22
C LEU B 61 -23.78 11.27 -13.40
N ASN B 62 -24.17 12.50 -13.09
CA ASN B 62 -24.61 13.47 -14.09
C ASN B 62 -24.13 14.86 -13.68
N LEU B 63 -23.50 15.57 -14.62
CA LEU B 63 -22.87 16.85 -14.33
C LEU B 63 -23.88 17.98 -14.01
N GLY B 64 -24.98 18.05 -14.75
CA GLY B 64 -26.04 19.00 -14.44
C GLY B 64 -26.60 18.82 -13.03
N ASP B 65 -26.90 17.57 -12.68
CA ASP B 65 -27.40 17.24 -11.36
C ASP B 65 -26.41 17.56 -10.25
N SER B 66 -25.14 17.21 -10.45
CA SER B 66 -24.09 17.55 -9.47
C SER B 66 -23.91 19.07 -9.29
N LYS B 67 -24.03 19.84 -10.37
CA LYS B 67 -23.99 21.29 -10.29
C LYS B 67 -25.19 21.88 -9.52
N ILE B 68 -26.38 21.34 -9.78
CA ILE B 68 -27.58 21.72 -9.01
C ILE B 68 -27.34 21.36 -7.55
N ALA B 69 -26.80 20.16 -7.31
CA ALA B 69 -26.59 19.64 -5.96
C ALA B 69 -25.66 20.50 -5.14
N TYR B 70 -24.58 20.94 -5.76
CA TYR B 70 -23.66 21.89 -5.15
C TYR B 70 -24.42 23.12 -4.63
N VAL B 71 -25.27 23.68 -5.47
CA VAL B 71 -26.04 24.91 -5.09
C VAL B 71 -26.99 24.65 -3.94
N VAL B 72 -27.66 23.49 -3.97
CA VAL B 72 -28.62 23.14 -2.92
C VAL B 72 -27.89 22.93 -1.61
N GLU B 73 -26.77 22.20 -1.63
CA GLU B 73 -25.99 22.01 -0.43
C GLU B 73 -25.44 23.33 0.12
N PHE B 74 -25.09 24.26 -0.76
CA PHE B 74 -24.63 25.56 -0.32
C PHE B 74 -25.69 26.25 0.53
N PHE B 75 -26.95 26.17 0.08
CA PHE B 75 -28.05 26.71 0.87
C PHE B 75 -28.29 25.95 2.14
N GLU B 76 -28.23 24.60 2.09
CA GLU B 76 -28.37 23.80 3.33
C GLU B 76 -27.30 24.23 4.36
N TRP B 77 -26.08 24.46 3.89
CA TRP B 77 -25.01 25.00 4.75
C TRP B 77 -25.26 26.40 5.25
N PHE B 78 -25.75 27.27 4.36
CA PHE B 78 -26.05 28.66 4.74
C PHE B 78 -27.12 28.67 5.82
N ASN B 79 -28.05 27.73 5.74
CA ASN B 79 -29.12 27.62 6.74
C ASN B 79 -28.62 27.24 8.14
N THR B 80 -27.50 26.52 8.22
CA THR B 80 -26.90 26.23 9.52
C THR B 80 -26.21 27.42 10.16
N LEU B 81 -25.82 28.39 9.34
CA LEU B 81 -25.08 29.53 9.79
C LEU B 81 -26.02 30.53 10.45
N GLU B 82 -27.21 30.70 9.88
CA GLU B 82 -28.32 31.42 10.50
C GLU B 82 -28.05 32.90 10.70
N THR B 83 -27.26 33.50 9.80
CA THR B 83 -26.95 34.93 9.89
C THR B 83 -28.14 35.85 9.58
N PHE B 84 -29.18 35.32 8.93
CA PHE B 84 -30.40 36.05 8.61
C PHE B 84 -31.52 35.82 9.61
N LYS B 85 -31.29 34.95 10.60
CA LYS B 85 -32.39 34.51 11.49
C LYS B 85 -32.43 35.35 12.74
N ASN B 86 -32.85 36.60 12.58
CA ASN B 86 -32.94 37.58 13.68
C ASN B 86 -33.87 37.20 14.83
N TRP B 87 -34.75 36.22 14.61
CA TRP B 87 -35.72 35.73 15.59
C TRP B 87 -35.16 34.71 16.59
N LYS B 88 -33.92 34.26 16.37
CA LYS B 88 -33.28 33.25 17.25
C LYS B 88 -32.58 33.90 18.42
N LYS B 89 -32.81 33.38 19.62
CA LYS B 89 -32.04 33.76 20.81
C LYS B 89 -30.53 33.54 20.58
N LYS B 90 -30.17 32.35 20.12
CA LYS B 90 -28.77 31.97 19.91
C LYS B 90 -28.60 31.34 18.52
N PRO B 91 -28.39 32.18 17.47
CA PRO B 91 -28.38 31.66 16.11
C PRO B 91 -27.07 31.01 15.76
N GLY B 92 -27.15 29.98 14.92
CA GLY B 92 -26.01 29.16 14.53
C GLY B 92 -26.23 27.77 15.08
N LYS B 93 -26.34 26.78 14.19
CA LYS B 93 -26.43 25.39 14.60
C LYS B 93 -25.08 24.94 15.15
N PRO B 94 -25.01 23.74 15.74
CA PRO B 94 -23.70 23.32 16.29
C PRO B 94 -22.60 23.14 15.21
N LEU B 95 -21.37 23.35 15.60
CA LEU B 95 -20.22 23.33 14.69
C LEU B 95 -20.15 22.08 13.81
N ASP B 96 -20.25 20.91 14.46
CA ASP B 96 -20.22 19.62 13.75
C ASP B 96 -21.40 19.52 12.71
N VAL B 97 -22.55 20.15 12.98
CA VAL B 97 -23.64 20.23 11.97
C VAL B 97 -23.27 21.17 10.83
N GLN B 98 -22.70 22.33 11.16
CA GLN B 98 -22.26 23.27 10.12
C GLN B 98 -21.19 22.68 9.21
N LEU B 99 -20.24 21.94 9.82
CA LEU B 99 -19.11 21.36 9.07
C LEU B 99 -19.56 20.20 8.22
N ASP B 100 -20.51 19.43 8.74
CA ASP B 100 -21.12 18.35 7.98
C ASP B 100 -21.75 18.87 6.69
N GLU B 101 -22.52 19.96 6.79
CA GLU B 101 -23.11 20.56 5.58
C GLU B 101 -22.06 21.18 4.67
N LEU B 102 -21.08 21.84 5.24
CA LEU B 102 -19.94 22.34 4.46
C LEU B 102 -19.22 21.21 3.70
N ALA B 103 -19.12 20.05 4.32
CA ALA B 103 -18.52 18.88 3.66
C ALA B 103 -19.33 18.40 2.44
N ASP B 104 -20.64 18.49 2.51
CA ASP B 104 -21.48 18.13 1.37
C ASP B 104 -21.22 19.04 0.17
N ILE B 105 -20.92 20.33 0.43
CA ILE B 105 -20.59 21.24 -0.67
C ILE B 105 -19.27 20.84 -1.30
N LEU B 106 -18.27 20.56 -0.45
CA LEU B 106 -16.96 20.09 -0.93
C LEU B 106 -17.11 18.89 -1.83
N ALA B 107 -17.92 17.93 -1.40
CA ALA B 107 -18.11 16.70 -2.15
C ALA B 107 -18.56 16.94 -3.58
N PHE B 108 -19.61 17.75 -3.75
CA PHE B 108 -20.08 18.06 -5.11
C PHE B 108 -19.06 18.91 -5.87
N GLY B 109 -18.35 19.79 -5.17
CA GLY B 109 -17.26 20.58 -5.78
C GLY B 109 -16.15 19.69 -6.32
N LEU B 110 -15.72 18.74 -5.49
CA LEU B 110 -14.75 17.71 -5.94
C LEU B 110 -15.31 16.85 -7.06
N SER B 111 -16.58 16.47 -6.94
CA SER B 111 -17.23 15.66 -7.96
C SER B 111 -17.27 16.37 -9.31
N ILE B 112 -17.68 17.65 -9.32
CA ILE B 112 -17.73 18.43 -10.55
C ILE B 112 -16.32 18.53 -11.14
N ALA B 113 -15.32 18.78 -10.30
CA ALA B 113 -13.92 18.81 -10.74
C ALA B 113 -13.50 17.53 -11.46
N ASN B 114 -13.73 16.38 -10.85
CA ASN B 114 -13.36 15.08 -11.46
C ASN B 114 -14.12 14.80 -12.75
N GLN B 115 -15.41 15.10 -12.74
CA GLN B 115 -16.27 14.87 -13.90
C GLN B 115 -15.85 15.69 -15.11
N GLN B 116 -15.38 16.90 -14.87
CA GLN B 116 -14.88 17.78 -15.94
C GLN B 116 -13.43 17.49 -16.34
N GLY B 117 -12.67 16.86 -15.45
CA GLY B 117 -11.26 16.58 -15.65
C GLY B 117 -10.47 17.63 -14.88
N PHE B 118 -9.59 17.19 -14.00
CA PHE B 118 -8.83 18.08 -13.15
C PHE B 118 -7.36 17.65 -13.11
N GLU B 119 -6.57 18.22 -14.00
CA GLU B 119 -5.15 17.88 -14.18
C GLU B 119 -4.28 18.82 -13.35
N GLU B 120 -2.95 18.71 -13.54
CA GLU B 120 -1.95 19.59 -12.92
C GLU B 120 -2.20 21.08 -13.16
N TYR B 121 -2.44 21.44 -14.43
CA TYR B 121 -2.70 22.84 -14.80
C TYR B 121 -3.92 23.39 -14.05
N ASP B 122 -4.92 22.53 -13.80
CA ASP B 122 -6.11 22.91 -13.04
C ASP B 122 -5.77 23.10 -11.56
N ARG B 123 -4.95 22.21 -11.02
CA ARG B 123 -4.50 22.32 -9.64
C ARG B 123 -3.66 23.58 -9.43
N ASP B 124 -2.72 23.83 -10.34
CA ASP B 124 -1.95 25.08 -10.32
C ASP B 124 -2.85 26.31 -10.25
N LEU B 125 -3.83 26.37 -11.13
CA LEU B 125 -4.71 27.53 -11.26
C LEU B 125 -5.59 27.69 -10.00
N PHE B 126 -5.99 26.56 -9.41
CA PHE B 126 -6.72 26.59 -8.15
C PHE B 126 -5.95 27.28 -7.03
N PHE B 127 -4.72 26.84 -6.79
CA PHE B 127 -3.91 27.43 -5.72
C PHE B 127 -3.53 28.88 -6.01
N GLU B 128 -3.36 29.23 -7.28
CA GLU B 128 -3.22 30.63 -7.65
C GLU B 128 -4.53 31.44 -7.36
N SER B 129 -5.69 30.91 -7.72
CA SER B 129 -6.98 31.60 -7.42
C SER B 129 -7.21 31.74 -5.93
N PHE B 130 -6.95 30.66 -5.20
CA PHE B 130 -7.12 30.68 -3.76
C PHE B 130 -6.25 31.74 -3.10
N ASP B 131 -4.95 31.70 -3.42
CA ASP B 131 -3.97 32.68 -2.92
C ASP B 131 -4.30 34.14 -3.35
N GLU B 132 -4.94 34.31 -4.50
CA GLU B 132 -5.32 35.63 -5.04
C GLU B 132 -6.75 36.06 -4.68
N GLU B 133 -7.44 35.33 -3.81
CA GLU B 133 -8.78 35.69 -3.39
C GLU B 133 -8.74 36.60 -2.18
N TYR B 134 -9.16 37.87 -2.37
CA TYR B 134 -9.10 38.91 -1.32
C TYR B 134 -10.44 39.40 -0.77
N PHE B 135 -11.54 38.99 -1.40
CA PHE B 135 -12.89 39.39 -1.02
C PHE B 135 -13.66 38.39 -0.15
N LEU B 136 -13.41 37.08 -0.29
CA LEU B 136 -14.12 36.09 0.52
C LEU B 136 -13.51 35.90 1.89
N ASP B 137 -13.64 36.91 2.74
CA ASP B 137 -13.13 36.88 4.10
C ASP B 137 -14.26 36.75 5.15
N PHE B 138 -13.90 36.69 6.43
CA PHE B 138 -14.83 36.46 7.53
C PHE B 138 -16.04 37.45 7.57
N PRO B 139 -15.80 38.77 7.62
CA PRO B 139 -16.95 39.72 7.62
C PRO B 139 -17.89 39.58 6.44
N TYR B 140 -17.34 39.38 5.25
CA TYR B 140 -18.14 39.20 4.05
C TYR B 140 -19.01 37.95 4.18
N LEU B 141 -18.39 36.84 4.60
CA LEU B 141 -19.09 35.57 4.68
C LEU B 141 -20.12 35.50 5.82
N ARG B 142 -19.96 36.35 6.84
CA ARG B 142 -20.92 36.48 7.95
C ARG B 142 -22.10 37.39 7.62
N ASN B 143 -22.04 38.10 6.49
CA ASN B 143 -23.09 39.04 6.10
C ASN B 143 -24.13 38.24 5.35
N GLN B 144 -25.37 38.26 5.85
CA GLN B 144 -26.50 37.51 5.26
C GLN B 144 -26.70 37.86 3.77
N ASP B 145 -26.39 39.08 3.38
CA ASP B 145 -26.53 39.51 1.97
C ASP B 145 -25.57 38.83 0.98
N MET B 146 -24.48 38.23 1.47
CA MET B 146 -23.58 37.46 0.59
C MET B 146 -24.33 36.41 -0.24
N ILE B 147 -25.44 35.88 0.29
CA ILE B 147 -26.22 34.87 -0.43
C ILE B 147 -26.67 35.31 -1.83
N TYR B 148 -26.97 36.59 -2.00
CA TYR B 148 -27.34 37.15 -3.32
C TYR B 148 -26.16 37.13 -4.32
N ASP B 149 -24.96 37.49 -3.84
CA ASP B 149 -23.75 37.38 -4.67
C ASP B 149 -23.52 35.95 -5.13
N MET B 150 -23.65 35.00 -4.19
CA MET B 150 -23.44 33.60 -4.47
C MET B 150 -24.44 33.08 -5.49
N MET B 151 -25.70 33.52 -5.37
CA MET B 151 -26.76 33.16 -6.32
C MET B 151 -26.43 33.61 -7.74
N SER B 152 -26.00 34.87 -7.88
CA SER B 152 -25.56 35.36 -9.21
C SER B 152 -24.42 34.51 -9.80
N GLU B 153 -23.43 34.13 -9.00
CA GLU B 153 -22.37 33.21 -9.45
C GLU B 153 -22.93 31.82 -9.80
N PHE B 154 -23.91 31.35 -9.05
CA PHE B 154 -24.50 30.03 -9.30
C PHE B 154 -25.33 29.93 -10.57
N TYR B 155 -25.96 31.01 -11.00
CA TYR B 155 -26.81 30.97 -12.19
C TYR B 155 -25.98 31.19 -13.48
N ASP B 156 -24.79 31.77 -13.31
CA ASP B 156 -23.86 31.98 -14.41
C ASP B 156 -23.37 30.63 -14.89
N ASP B 157 -23.65 30.29 -16.14
CA ASP B 157 -23.20 29.00 -16.67
C ASP B 157 -21.68 28.94 -16.98
N ASP B 158 -20.98 30.08 -16.90
CA ASP B 158 -19.50 30.13 -16.92
C ASP B 158 -18.82 29.86 -15.57
N LEU B 159 -19.59 29.67 -14.49
CA LEU B 159 -19.01 29.28 -13.20
C LEU B 159 -18.09 28.08 -13.37
N THR B 160 -16.86 28.19 -12.88
CA THR B 160 -15.86 27.12 -13.08
C THR B 160 -15.79 26.18 -11.90
N SER B 161 -15.29 24.98 -12.16
CA SER B 161 -15.01 24.01 -11.10
C SER B 161 -13.94 24.51 -10.14
N ILE B 162 -12.97 25.26 -10.65
CA ILE B 162 -11.98 25.88 -9.77
C ILE B 162 -12.65 26.82 -8.78
N ARG B 163 -13.53 27.68 -9.29
CA ARG B 163 -14.19 28.71 -8.46
C ARG B 163 -15.00 28.09 -7.33
N ARG B 164 -15.78 27.06 -7.67
CA ARG B 164 -16.59 26.33 -6.68
C ARG B 164 -15.73 25.81 -5.55
N LEU B 165 -14.51 25.33 -5.88
CA LEU B 165 -13.58 24.84 -4.84
C LEU B 165 -12.93 25.96 -4.05
N VAL B 166 -12.57 27.05 -4.73
CA VAL B 166 -12.12 28.25 -4.01
C VAL B 166 -13.18 28.71 -2.99
N ILE B 167 -14.45 28.75 -3.38
CA ILE B 167 -15.51 29.20 -2.46
C ILE B 167 -15.54 28.36 -1.20
N VAL B 168 -15.66 27.06 -1.36
CA VAL B 168 -15.78 26.17 -0.20
C VAL B 168 -14.52 26.16 0.68
N PHE B 169 -13.33 26.21 0.07
CA PHE B 169 -12.13 26.21 0.88
C PHE B 169 -11.93 27.53 1.60
N LYS B 170 -12.32 28.64 0.98
CA LYS B 170 -12.24 29.93 1.69
C LYS B 170 -13.22 30.03 2.85
N ILE B 171 -14.39 29.40 2.73
CA ILE B 171 -15.32 29.35 3.86
C ILE B 171 -14.70 28.58 5.01
N ALA B 172 -14.09 27.45 4.69
CA ALA B 172 -13.39 26.62 5.67
C ALA B 172 -12.25 27.37 6.32
N GLU B 173 -11.41 27.99 5.51
CA GLU B 173 -10.31 28.80 6.01
C GLU B 173 -10.72 29.95 6.94
N GLN B 174 -11.78 30.67 6.57
CA GLN B 174 -12.17 31.91 7.25
C GLN B 174 -13.12 31.69 8.41
N LEU B 175 -14.09 30.81 8.24
CA LEU B 175 -15.10 30.58 9.29
C LEU B 175 -14.76 29.39 10.18
N TYR B 176 -14.04 28.40 9.65
CA TYR B 176 -13.72 27.18 10.38
C TYR B 176 -12.20 27.00 10.34
N THR B 177 -11.72 25.77 10.12
CA THR B 177 -10.41 25.54 9.50
C THR B 177 -10.56 24.52 8.37
N ILE B 178 -9.60 24.54 7.45
CA ILE B 178 -9.51 23.59 6.34
C ILE B 178 -9.43 22.14 6.90
N ASP B 179 -8.60 21.96 7.91
CA ASP B 179 -8.50 20.68 8.64
C ASP B 179 -9.82 20.16 9.16
N GLN B 180 -10.62 21.03 9.75
CA GLN B 180 -11.96 20.63 10.23
C GLN B 180 -12.86 20.23 9.07
N LEU B 181 -12.77 20.94 7.95
CA LEU B 181 -13.54 20.55 6.76
C LEU B 181 -13.11 19.16 6.27
N ILE B 182 -11.80 18.97 6.12
CA ILE B 182 -11.28 17.70 5.62
C ILE B 182 -11.72 16.54 6.54
N ASP B 183 -11.57 16.73 7.85
CA ASP B 183 -12.08 15.73 8.81
C ASP B 183 -13.56 15.44 8.61
N ALA B 184 -14.38 16.50 8.55
CA ALA B 184 -15.83 16.33 8.43
C ALA B 184 -16.19 15.66 7.10
N TYR B 185 -15.45 16.00 6.04
CA TYR B 185 -15.63 15.34 4.74
C TYR B 185 -15.33 13.82 4.82
N LYS B 186 -14.19 13.48 5.42
CA LYS B 186 -13.83 12.07 5.50
C LYS B 186 -14.89 11.29 6.29
N LYS B 187 -15.33 11.81 7.44
CA LYS B 187 -16.45 11.20 8.19
C LYS B 187 -17.69 11.01 7.31
N LYS B 188 -18.11 12.09 6.65
CA LYS B 188 -19.31 12.05 5.82
C LYS B 188 -19.21 11.09 4.64
N MET B 189 -18.04 11.02 4.00
CA MET B 189 -17.84 10.04 2.92
C MET B 189 -17.96 8.60 3.39
N LYS B 190 -17.41 8.29 4.58
CA LYS B 190 -17.61 6.95 5.21
C LYS B 190 -19.11 6.66 5.40
N ARG B 191 -19.83 7.61 5.99
CA ARG B 191 -21.29 7.50 6.17
C ARG B 191 -22.01 7.29 4.82
N ASN B 192 -21.63 8.10 3.83
CA ASN B 192 -22.14 7.95 2.47
C ASN B 192 -21.89 6.57 1.85
N HIS B 193 -20.70 5.99 2.07
CA HIS B 193 -20.42 4.64 1.60
C HIS B 193 -21.35 3.62 2.27
N GLU B 194 -21.64 3.82 3.55
CA GLU B 194 -22.59 2.99 4.29
C GLU B 194 -24.05 3.16 3.82
N ARG B 195 -24.40 4.34 3.32
CA ARG B 195 -25.71 4.55 2.65
C ARG B 195 -25.90 3.58 1.48
N GLN B 196 -25.00 3.66 0.51
CA GLN B 196 -25.06 2.78 -0.67
C GLN B 196 -24.87 1.30 -0.29
N ASP B 197 -24.11 1.02 0.78
CA ASP B 197 -24.06 -0.33 1.37
C ASP B 197 -25.40 -0.73 2.01
N GLY B 198 -26.05 0.23 2.68
CA GLY B 198 -27.31 0.01 3.40
C GLY B 198 -27.06 -0.32 4.88
N MET C 35 8.66 -1.60 -18.66
CA MET C 35 9.75 -2.61 -18.52
C MET C 35 10.10 -2.74 -17.03
N THR C 36 9.07 -2.96 -16.18
CA THR C 36 9.11 -2.66 -14.74
C THR C 36 9.09 -3.87 -13.70
N ASN C 37 9.15 -5.13 -14.14
CA ASN C 37 8.94 -6.32 -13.25
C ASN C 37 7.58 -6.27 -12.51
N THR C 38 6.58 -5.88 -13.29
CA THR C 38 5.19 -5.84 -12.86
C THR C 38 4.36 -6.37 -14.03
N LEU C 39 3.15 -6.85 -13.75
CA LEU C 39 2.26 -7.38 -14.77
C LEU C 39 0.95 -6.64 -14.72
N THR C 40 0.51 -6.09 -15.86
CA THR C 40 -0.77 -5.39 -15.93
C THR C 40 -1.81 -6.29 -16.53
N THR C 41 -3.09 -5.89 -16.37
CA THR C 41 -4.20 -6.67 -16.91
C THR C 41 -4.16 -6.69 -18.42
N ASP C 42 -3.70 -5.60 -19.04
CA ASP C 42 -3.53 -5.56 -20.51
C ASP C 42 -2.45 -6.55 -21.01
N GLN C 43 -1.31 -6.60 -20.34
CA GLN C 43 -0.28 -7.58 -20.67
C GLN C 43 -0.80 -9.02 -20.52
N LEU C 44 -1.44 -9.32 -19.41
CA LEU C 44 -2.02 -10.66 -19.23
C LEU C 44 -3.04 -11.00 -20.34
N GLN C 45 -3.92 -10.05 -20.68
CA GLN C 45 -4.89 -10.28 -21.76
C GLN C 45 -4.30 -10.45 -23.15
N GLU C 46 -3.23 -9.70 -23.44
CA GLU C 46 -2.47 -9.92 -24.67
C GLU C 46 -1.87 -11.35 -24.69
N LEU C 47 -1.25 -11.76 -23.58
CA LEU C 47 -0.64 -13.11 -23.49
C LEU C 47 -1.66 -14.19 -23.73
N LEU C 48 -2.84 -14.04 -23.12
CA LEU C 48 -3.91 -15.00 -23.34
C LEU C 48 -4.34 -15.06 -24.80
N GLN C 49 -4.37 -13.89 -25.46
CA GLN C 49 -4.75 -13.81 -26.86
C GLN C 49 -3.71 -14.43 -27.79
N ILE C 50 -2.43 -14.13 -27.55
CA ILE C 50 -1.33 -14.82 -28.27
C ILE C 50 -1.47 -16.35 -28.16
N GLN C 51 -1.67 -16.83 -26.94
CA GLN C 51 -1.80 -18.27 -26.71
C GLN C 51 -2.99 -18.87 -27.43
N LYS C 52 -4.14 -18.18 -27.35
CA LYS C 52 -5.37 -18.63 -28.01
C LYS C 52 -5.17 -18.77 -29.50
N GLU C 53 -4.53 -17.79 -30.11
CA GLU C 53 -4.31 -17.84 -31.55
C GLU C 53 -3.40 -19.01 -31.98
N PHE C 54 -2.41 -19.36 -31.16
CA PHE C 54 -1.61 -20.54 -31.45
C PHE C 54 -2.42 -21.82 -31.24
N ASP C 55 -3.01 -21.97 -30.06
CA ASP C 55 -3.82 -23.15 -29.74
C ASP C 55 -4.97 -23.40 -30.72
N ASP C 56 -5.51 -22.32 -31.33
CA ASP C 56 -6.46 -22.42 -32.45
C ASP C 56 -5.97 -23.28 -33.62
N ARG C 57 -4.65 -23.33 -33.85
CA ARG C 57 -4.06 -24.18 -34.90
C ARG C 57 -3.95 -25.68 -34.56
N ILE C 58 -4.31 -26.09 -33.34
CA ILE C 58 -4.07 -27.44 -32.83
C ILE C 58 -5.40 -28.12 -32.56
N PRO C 59 -5.94 -28.84 -33.55
CA PRO C 59 -7.28 -29.44 -33.37
C PRO C 59 -7.37 -30.56 -32.31
N THR C 60 -6.23 -31.18 -31.97
CA THR C 60 -6.15 -32.18 -30.89
C THR C 60 -6.04 -31.59 -29.49
N LEU C 61 -6.08 -30.26 -29.38
CA LEU C 61 -5.97 -29.57 -28.09
C LEU C 61 -6.82 -30.25 -27.03
N ASN C 62 -6.18 -30.61 -25.92
CA ASN C 62 -6.76 -31.47 -24.89
C ASN C 62 -6.30 -30.97 -23.51
N LEU C 63 -7.26 -30.80 -22.59
CA LEU C 63 -6.99 -30.25 -21.28
C LEU C 63 -6.10 -31.15 -20.39
N GLY C 64 -6.37 -32.45 -20.39
CA GLY C 64 -5.54 -33.39 -19.63
C GLY C 64 -4.07 -33.38 -20.07
N ASP C 65 -3.87 -33.40 -21.39
CA ASP C 65 -2.55 -33.32 -21.96
C ASP C 65 -1.83 -32.00 -21.63
N SER C 66 -2.54 -30.88 -21.74
CA SER C 66 -1.96 -29.60 -21.43
C SER C 66 -1.55 -29.51 -19.96
N LYS C 67 -2.34 -30.10 -19.08
CA LYS C 67 -2.05 -30.12 -17.63
C LYS C 67 -0.81 -30.96 -17.33
N ILE C 68 -0.72 -32.11 -17.99
CA ILE C 68 0.47 -32.94 -17.90
C ILE C 68 1.67 -32.13 -18.42
N ALA C 69 1.48 -31.47 -19.57
CA ALA C 69 2.54 -30.72 -20.23
C ALA C 69 3.10 -29.62 -19.35
N TYR C 70 2.20 -28.88 -18.67
CA TYR C 70 2.60 -27.88 -17.70
C TYR C 70 3.58 -28.46 -16.67
N VAL C 71 3.23 -29.62 -16.13
CA VAL C 71 4.06 -30.25 -15.11
C VAL C 71 5.43 -30.66 -15.68
N VAL C 72 5.43 -31.20 -16.89
CA VAL C 72 6.66 -31.67 -17.50
C VAL C 72 7.56 -30.48 -17.78
N GLU C 73 6.99 -29.40 -18.32
CA GLU C 73 7.77 -28.20 -18.59
C GLU C 73 8.29 -27.56 -17.32
N PHE C 74 7.52 -27.66 -16.24
CA PHE C 74 8.02 -27.20 -14.94
C PHE C 74 9.35 -27.92 -14.55
N PHE C 75 9.39 -29.23 -14.73
CA PHE C 75 10.61 -30.00 -14.43
C PHE C 75 11.72 -29.70 -15.41
N GLU C 76 11.41 -29.55 -16.70
CA GLU C 76 12.43 -29.12 -17.68
C GLU C 76 13.04 -27.80 -17.23
N TRP C 77 12.21 -26.86 -16.76
CA TRP C 77 12.71 -25.57 -16.24
C TRP C 77 13.53 -25.75 -14.96
N PHE C 78 13.05 -26.58 -14.04
CA PHE C 78 13.78 -26.81 -12.78
C PHE C 78 15.15 -27.44 -13.06
N ASN C 79 15.22 -28.28 -14.08
CA ASN C 79 16.50 -28.86 -14.51
C ASN C 79 17.52 -27.81 -15.00
N THR C 80 17.06 -26.69 -15.54
CA THR C 80 17.98 -25.61 -15.97
C THR C 80 18.53 -24.82 -14.80
N LEU C 81 17.82 -24.85 -13.69
CA LEU C 81 18.26 -24.12 -12.51
C LEU C 81 19.41 -24.81 -11.82
N GLU C 82 19.31 -26.14 -11.73
CA GLU C 82 20.40 -27.01 -11.24
C GLU C 82 20.76 -26.83 -9.77
N THR C 83 19.77 -26.50 -8.95
CA THR C 83 20.01 -26.28 -7.51
C THR C 83 20.31 -27.55 -6.74
N PHE C 84 19.97 -28.69 -7.34
CA PHE C 84 20.26 -30.01 -6.76
C PHE C 84 21.57 -30.62 -7.29
N LYS C 85 22.23 -29.98 -8.25
CA LYS C 85 23.33 -30.62 -8.97
C LYS C 85 24.68 -30.26 -8.35
N ASN C 86 24.91 -30.80 -7.16
CA ASN C 86 26.14 -30.56 -6.39
C ASN C 86 27.43 -30.97 -7.07
N TRP C 87 27.33 -31.78 -8.12
CA TRP C 87 28.50 -32.31 -8.88
C TRP C 87 29.00 -31.35 -9.98
N LYS C 88 28.30 -30.25 -10.21
CA LYS C 88 28.68 -29.27 -11.23
C LYS C 88 29.66 -28.25 -10.67
N LYS C 89 30.71 -27.98 -11.42
CA LYS C 89 31.61 -26.86 -11.12
C LYS C 89 30.84 -25.55 -11.06
N LYS C 90 30.03 -25.30 -12.09
CA LYS C 90 29.31 -24.04 -12.21
C LYS C 90 27.85 -24.33 -12.59
N PRO C 91 26.99 -24.62 -11.58
CA PRO C 91 25.62 -25.01 -11.87
C PRO C 91 24.73 -23.86 -12.28
N GLY C 92 23.78 -24.15 -13.16
CA GLY C 92 22.85 -23.16 -13.71
C GLY C 92 23.16 -23.06 -15.18
N LYS C 93 22.20 -23.42 -16.02
CA LYS C 93 22.32 -23.19 -17.45
C LYS C 93 22.26 -21.70 -17.78
N PRO C 94 22.56 -21.31 -19.02
CA PRO C 94 22.49 -19.88 -19.29
C PRO C 94 21.06 -19.27 -19.13
N LEU C 95 21.01 -17.99 -18.79
CA LEU C 95 19.74 -17.24 -18.56
C LEU C 95 18.69 -17.40 -19.66
N ASP C 96 19.10 -17.19 -20.90
CA ASP C 96 18.22 -17.40 -22.05
C ASP C 96 17.63 -18.81 -22.14
N VAL C 97 18.42 -19.82 -21.75
CA VAL C 97 17.92 -21.18 -21.72
C VAL C 97 16.88 -21.30 -20.61
N GLN C 98 17.18 -20.74 -19.44
CA GLN C 98 16.29 -20.84 -18.30
C GLN C 98 14.97 -20.15 -18.58
N LEU C 99 15.03 -19.00 -19.24
CA LEU C 99 13.83 -18.22 -19.58
C LEU C 99 13.01 -18.85 -20.68
N ASP C 100 13.69 -19.47 -21.63
CA ASP C 100 13.01 -20.23 -22.67
C ASP C 100 12.15 -21.33 -22.05
N GLU C 101 12.73 -22.09 -21.11
CA GLU C 101 11.97 -23.17 -20.44
C GLU C 101 10.86 -22.60 -19.56
N LEU C 102 11.13 -21.50 -18.87
CA LEU C 102 10.11 -20.82 -18.10
C LEU C 102 8.95 -20.38 -19.01
N ALA C 103 9.26 -19.92 -20.22
CA ALA C 103 8.23 -19.53 -21.18
C ALA C 103 7.31 -20.69 -21.58
N ASP C 104 7.86 -21.91 -21.69
CA ASP C 104 7.06 -23.09 -22.03
C ASP C 104 6.06 -23.38 -20.94
N ILE C 105 6.40 -23.10 -19.69
CA ILE C 105 5.44 -23.28 -18.58
C ILE C 105 4.33 -22.26 -18.70
N LEU C 106 4.71 -21.01 -18.94
CA LEU C 106 3.70 -19.93 -19.12
C LEU C 106 2.70 -20.30 -20.21
N ALA C 107 3.21 -20.80 -21.34
CA ALA C 107 2.36 -21.16 -22.48
C ALA C 107 1.26 -22.15 -22.11
N PHE C 108 1.65 -23.25 -21.45
CA PHE C 108 0.65 -24.23 -20.99
C PHE C 108 -0.27 -23.66 -19.88
N GLY C 109 0.28 -22.81 -19.02
CA GLY C 109 -0.53 -22.13 -18.01
C GLY C 109 -1.60 -21.24 -18.68
N LEU C 110 -1.19 -20.45 -19.66
CA LEU C 110 -2.11 -19.64 -20.45
C LEU C 110 -3.09 -20.51 -21.22
N SER C 111 -2.60 -21.60 -21.77
CA SER C 111 -3.44 -22.52 -22.52
C SER C 111 -4.54 -23.15 -21.64
N ILE C 112 -4.17 -23.62 -20.46
CA ILE C 112 -5.11 -24.22 -19.52
C ILE C 112 -6.13 -23.14 -19.14
N ALA C 113 -5.67 -21.92 -18.87
CA ALA C 113 -6.58 -20.80 -18.56
C ALA C 113 -7.65 -20.58 -19.63
N ASN C 114 -7.23 -20.48 -20.90
CA ASN C 114 -8.16 -20.26 -22.02
C ASN C 114 -9.11 -21.42 -22.22
N GLN C 115 -8.56 -22.64 -22.13
CA GLN C 115 -9.36 -23.86 -22.32
C GLN C 115 -10.46 -24.01 -21.28
N GLN C 116 -10.18 -23.59 -20.05
CA GLN C 116 -11.16 -23.61 -18.96
C GLN C 116 -12.12 -22.42 -18.97
N GLY C 117 -11.70 -21.32 -19.61
CA GLY C 117 -12.45 -20.07 -19.64
C GLY C 117 -11.83 -19.14 -18.61
N PHE C 118 -11.45 -17.94 -19.05
CA PHE C 118 -10.77 -16.99 -18.17
C PHE C 118 -11.36 -15.61 -18.38
N GLU C 119 -12.36 -15.28 -17.58
CA GLU C 119 -13.10 -14.02 -17.67
C GLU C 119 -12.50 -12.96 -16.75
N GLU C 120 -13.17 -11.82 -16.63
CA GLU C 120 -12.81 -10.73 -15.72
C GLU C 120 -12.68 -11.15 -14.27
N TYR C 121 -13.68 -11.88 -13.75
CA TYR C 121 -13.64 -12.39 -12.38
C TYR C 121 -12.38 -13.26 -12.13
N ASP C 122 -11.95 -14.02 -13.14
CA ASP C 122 -10.76 -14.86 -13.05
C ASP C 122 -9.51 -14.01 -13.03
N ARG C 123 -9.49 -12.97 -13.85
CA ARG C 123 -8.39 -12.02 -13.87
C ARG C 123 -8.27 -11.29 -12.54
N ASP C 124 -9.39 -10.79 -12.02
CA ASP C 124 -9.44 -10.17 -10.68
C ASP C 124 -8.84 -11.04 -9.60
N LEU C 125 -9.29 -12.29 -9.56
CA LEU C 125 -8.81 -13.23 -8.55
C LEU C 125 -7.31 -13.56 -8.72
N PHE C 126 -6.84 -13.62 -9.97
CA PHE C 126 -5.40 -13.83 -10.24
C PHE C 126 -4.52 -12.75 -9.62
N PHE C 127 -4.86 -11.49 -9.88
CA PHE C 127 -4.08 -10.37 -9.35
C PHE C 127 -4.16 -10.27 -7.85
N GLU C 128 -5.31 -10.63 -7.29
CA GLU C 128 -5.41 -10.73 -5.84
C GLU C 128 -4.52 -11.86 -5.30
N SER C 129 -4.53 -13.04 -5.92
CA SER C 129 -3.67 -14.15 -5.48
C SER C 129 -2.20 -13.80 -5.62
N PHE C 130 -1.84 -13.20 -6.75
CA PHE C 130 -0.45 -12.81 -7.00
C PHE C 130 0.06 -11.81 -5.95
N ASP C 131 -0.71 -10.74 -5.75
CA ASP C 131 -0.42 -9.72 -4.74
C ASP C 131 -0.37 -10.28 -3.32
N GLU C 132 -1.18 -11.30 -3.03
CA GLU C 132 -1.27 -11.89 -1.68
C GLU C 132 -0.32 -13.11 -1.47
N GLU C 133 0.54 -13.40 -2.44
CA GLU C 133 1.46 -14.56 -2.34
C GLU C 133 2.73 -14.12 -1.62
N TYR C 134 2.98 -14.62 -0.41
CA TYR C 134 4.20 -14.22 0.34
C TYR C 134 5.24 -15.34 0.55
N PHE C 135 4.91 -16.58 0.16
CA PHE C 135 5.80 -17.73 0.36
C PHE C 135 6.70 -18.02 -0.84
N LEU C 136 6.23 -17.76 -2.06
CA LEU C 136 7.02 -18.07 -3.25
C LEU C 136 8.02 -16.95 -3.56
N ASP C 137 9.02 -16.83 -2.69
CA ASP C 137 10.09 -15.83 -2.84
C ASP C 137 11.43 -16.48 -3.25
N PHE C 138 12.47 -15.66 -3.44
CA PHE C 138 13.74 -16.10 -3.99
C PHE C 138 14.40 -17.28 -3.21
N PRO C 139 14.62 -17.16 -1.87
CA PRO C 139 15.23 -18.28 -1.11
C PRO C 139 14.45 -19.58 -1.19
N TYR C 140 13.13 -19.49 -1.14
CA TYR C 140 12.28 -20.68 -1.27
C TYR C 140 12.46 -21.33 -2.65
N LEU C 141 12.41 -20.51 -3.69
CA LEU C 141 12.50 -21.03 -5.05
C LEU C 141 13.89 -21.56 -5.42
N ARG C 142 14.93 -21.09 -4.73
CA ARG C 142 16.31 -21.57 -4.89
C ARG C 142 16.60 -22.85 -4.10
N ASN C 143 15.70 -23.26 -3.23
CA ASN C 143 15.88 -24.46 -2.40
C ASN C 143 15.43 -25.63 -3.23
N GLN C 144 16.32 -26.59 -3.45
CA GLN C 144 15.98 -27.78 -4.24
C GLN C 144 14.74 -28.49 -3.76
N ASP C 145 14.54 -28.49 -2.45
CA ASP C 145 13.41 -29.22 -1.85
C ASP C 145 12.04 -28.65 -2.23
N MET C 146 11.99 -27.43 -2.74
CA MET C 146 10.72 -26.88 -3.23
C MET C 146 10.03 -27.81 -4.23
N ILE C 147 10.81 -28.57 -5.00
CA ILE C 147 10.25 -29.47 -6.01
C ILE C 147 9.22 -30.45 -5.43
N TYR C 148 9.41 -30.89 -4.20
CA TYR C 148 8.43 -31.76 -3.52
C TYR C 148 7.09 -31.04 -3.25
N ASP C 149 7.16 -29.80 -2.78
CA ASP C 149 5.95 -29.00 -2.58
C ASP C 149 5.18 -28.86 -3.89
N MET C 150 5.91 -28.55 -4.97
CA MET C 150 5.32 -28.35 -6.27
C MET C 150 4.64 -29.60 -6.76
N MET C 151 5.29 -30.76 -6.55
CA MET C 151 4.72 -32.06 -6.94
C MET C 151 3.41 -32.33 -6.25
N SER C 152 3.37 -32.09 -4.94
CA SER C 152 2.13 -32.19 -4.17
C SER C 152 0.98 -31.34 -4.78
N GLU C 153 1.28 -30.09 -5.12
CA GLU C 153 0.29 -29.24 -5.82
C GLU C 153 -0.09 -29.79 -7.19
N PHE C 154 0.88 -30.36 -7.90
CA PHE C 154 0.62 -30.89 -9.25
C PHE C 154 -0.24 -32.13 -9.29
N TYR C 155 -0.20 -32.95 -8.24
CA TYR C 155 -1.01 -34.17 -8.21
C TYR C 155 -2.44 -33.92 -7.68
N ASP C 156 -2.61 -32.79 -7.00
CA ASP C 156 -3.90 -32.37 -6.49
C ASP C 156 -4.79 -31.99 -7.68
N ASP C 157 -5.91 -32.69 -7.82
CA ASP C 157 -6.88 -32.41 -8.90
C ASP C 157 -7.64 -31.08 -8.73
N ASP C 158 -7.58 -30.49 -7.54
CA ASP C 158 -8.11 -29.15 -7.28
C ASP C 158 -7.17 -28.01 -7.68
N LEU C 159 -5.95 -28.30 -8.13
CA LEU C 159 -5.06 -27.26 -8.66
C LEU C 159 -5.77 -26.38 -9.69
N THR C 160 -5.72 -25.06 -9.50
CA THR C 160 -6.48 -24.14 -10.36
C THR C 160 -5.60 -23.55 -11.44
N SER C 161 -6.25 -23.09 -12.50
CA SER C 161 -5.57 -22.35 -13.57
C SER C 161 -4.99 -21.04 -13.07
N ILE C 162 -5.65 -20.40 -12.11
CA ILE C 162 -5.08 -19.22 -11.48
C ILE C 162 -3.74 -19.54 -10.81
N ARG C 163 -3.72 -20.62 -10.02
CA ARG C 163 -2.56 -20.99 -9.21
C ARG C 163 -1.34 -21.27 -10.09
N ARG C 164 -1.56 -22.01 -11.18
CA ARG C 164 -0.51 -22.30 -12.15
C ARG C 164 0.11 -21.04 -12.70
N LEU C 165 -0.71 -20.01 -12.95
CA LEU C 165 -0.20 -18.73 -13.44
C LEU C 165 0.50 -17.93 -12.34
N VAL C 166 -0.05 -17.93 -11.13
CA VAL C 166 0.65 -17.32 -10.00
C VAL C 166 2.07 -17.94 -9.85
N ILE C 167 2.17 -19.28 -9.93
CA ILE C 167 3.48 -19.95 -9.77
C ILE C 167 4.50 -19.42 -10.79
N VAL C 168 4.14 -19.48 -12.06
CA VAL C 168 5.08 -19.07 -13.12
C VAL C 168 5.42 -17.57 -13.06
N PHE C 169 4.43 -16.71 -12.77
CA PHE C 169 4.72 -15.28 -12.68
C PHE C 169 5.53 -14.89 -11.46
N LYS C 170 5.30 -15.56 -10.33
CA LYS C 170 6.19 -15.35 -9.17
C LYS C 170 7.63 -15.82 -9.40
N ILE C 171 7.83 -16.90 -10.15
CA ILE C 171 9.19 -17.34 -10.47
C ILE C 171 9.87 -16.24 -11.30
N ALA C 172 9.14 -15.74 -12.29
CA ALA C 172 9.64 -14.66 -13.15
C ALA C 172 9.98 -13.42 -12.35
N GLU C 173 9.06 -13.02 -11.48
CA GLU C 173 9.27 -11.86 -10.63
C GLU C 173 10.50 -11.98 -9.71
N GLN C 174 10.67 -13.13 -9.10
CA GLN C 174 11.66 -13.35 -8.03
C GLN C 174 13.03 -13.75 -8.55
N LEU C 175 13.07 -14.67 -9.51
CA LEU C 175 14.33 -15.19 -10.02
C LEU C 175 14.78 -14.45 -11.27
N TYR C 176 13.85 -13.93 -12.06
CA TYR C 176 14.16 -13.24 -13.32
C TYR C 176 13.55 -11.84 -13.26
N THR C 177 12.95 -11.38 -14.36
CA THR C 177 11.87 -10.38 -14.33
C THR C 177 10.71 -10.88 -15.16
N ILE C 178 9.51 -10.35 -14.86
CA ILE C 178 8.28 -10.62 -15.65
C ILE C 178 8.49 -10.22 -17.11
N ASP C 179 9.06 -9.04 -17.33
CA ASP C 179 9.46 -8.56 -18.66
C ASP C 179 10.30 -9.55 -19.46
N GLN C 180 11.30 -10.13 -18.80
CA GLN C 180 12.15 -11.15 -19.46
C GLN C 180 11.37 -12.38 -19.81
N LEU C 181 10.48 -12.82 -18.92
CA LEU C 181 9.56 -13.92 -19.27
C LEU C 181 8.69 -13.60 -20.48
N ILE C 182 8.03 -12.44 -20.45
CA ILE C 182 7.15 -12.04 -21.56
C ILE C 182 7.94 -12.01 -22.88
N ASP C 183 9.12 -11.40 -22.84
CA ASP C 183 10.02 -11.33 -24.00
C ASP C 183 10.32 -12.73 -24.52
N ALA C 184 10.72 -13.61 -23.60
CA ALA C 184 11.09 -14.98 -23.99
C ALA C 184 9.87 -15.73 -24.52
N TYR C 185 8.69 -15.50 -23.92
CA TYR C 185 7.45 -16.13 -24.39
C TYR C 185 7.07 -15.68 -25.80
N LYS C 186 7.14 -14.38 -26.05
CA LYS C 186 6.86 -13.87 -27.39
C LYS C 186 7.79 -14.46 -28.45
N LYS C 187 9.11 -14.44 -28.18
CA LYS C 187 10.09 -15.13 -29.07
C LYS C 187 9.67 -16.58 -29.31
N LYS C 188 9.44 -17.32 -28.23
CA LYS C 188 9.16 -18.75 -28.34
C LYS C 188 7.87 -19.01 -29.14
N MET C 189 6.86 -18.18 -28.94
CA MET C 189 5.59 -18.35 -29.68
C MET C 189 5.74 -18.10 -31.17
N LYS C 190 6.55 -17.11 -31.55
CA LYS C 190 6.94 -16.92 -32.96
C LYS C 190 7.62 -18.17 -33.54
N ARG C 191 8.61 -18.70 -32.81
CA ARG C 191 9.27 -19.94 -33.20
C ARG C 191 8.27 -21.10 -33.32
N ASN C 192 7.39 -21.23 -32.32
CA ASN C 192 6.33 -22.25 -32.34
C ASN C 192 5.40 -22.12 -33.55
N HIS C 193 5.07 -20.89 -33.95
CA HIS C 193 4.27 -20.67 -35.18
C HIS C 193 5.02 -21.17 -36.42
N GLU C 194 6.34 -20.96 -36.43
CA GLU C 194 7.20 -21.47 -37.51
C GLU C 194 7.34 -23.00 -37.50
N ARG C 195 7.25 -23.64 -36.33
CA ARG C 195 7.17 -25.13 -36.24
C ARG C 195 5.99 -25.66 -37.06
N GLN C 196 4.77 -25.21 -36.71
CA GLN C 196 3.55 -25.64 -37.41
C GLN C 196 3.55 -25.19 -38.89
N ASP C 197 4.20 -24.06 -39.20
CA ASP C 197 4.46 -23.65 -40.60
C ASP C 197 5.41 -24.62 -41.32
N GLY C 198 6.44 -25.11 -40.62
CA GLY C 198 7.33 -26.12 -41.17
C GLY C 198 8.56 -26.36 -40.31
N THR D 36 2.06 -4.62 -6.18
CA THR D 36 3.39 -5.20 -5.71
C THR D 36 4.52 -4.83 -6.68
N ASN D 37 5.70 -4.63 -6.11
CA ASN D 37 6.85 -4.14 -6.84
C ASN D 37 6.62 -2.79 -7.56
N THR D 38 5.96 -1.89 -6.83
CA THR D 38 5.71 -0.51 -7.25
C THR D 38 5.94 0.36 -6.02
N LEU D 39 6.26 1.63 -6.25
CA LEU D 39 6.51 2.57 -5.16
C LEU D 39 5.54 3.72 -5.28
N THR D 40 4.79 4.00 -4.21
CA THR D 40 3.88 5.14 -4.20
C THR D 40 4.53 6.32 -3.51
N THR D 41 3.94 7.49 -3.70
CA THR D 41 4.43 8.72 -3.09
C THR D 41 4.28 8.65 -1.56
N ASP D 42 3.23 7.99 -1.07
CA ASP D 42 3.09 7.76 0.38
C ASP D 42 4.22 6.88 0.98
N GLN D 43 4.55 5.79 0.29
CA GLN D 43 5.68 4.92 0.72
C GLN D 43 7.01 5.67 0.73
N LEU D 44 7.29 6.40 -0.34
CA LEU D 44 8.48 7.24 -0.37
C LEU D 44 8.51 8.24 0.80
N GLN D 45 7.39 8.93 1.03
CA GLN D 45 7.33 9.92 2.13
C GLN D 45 7.47 9.32 3.52
N GLU D 46 6.92 8.12 3.71
CA GLU D 46 7.14 7.35 4.96
C GLU D 46 8.63 6.99 5.15
N LEU D 47 9.26 6.47 4.09
CA LEU D 47 10.70 6.17 4.12
C LEU D 47 11.53 7.38 4.49
N LEU D 48 11.23 8.53 3.88
CA LEU D 48 11.97 9.76 4.18
C LEU D 48 11.80 10.15 5.63
N GLN D 49 10.60 9.92 6.16
CA GLN D 49 10.31 10.26 7.54
C GLN D 49 11.05 9.33 8.51
N ILE D 50 11.02 8.03 8.24
CA ILE D 50 11.79 7.06 9.03
C ILE D 50 13.27 7.46 9.07
N GLN D 51 13.83 7.82 7.92
CA GLN D 51 15.23 8.20 7.85
C GLN D 51 15.51 9.46 8.64
N LYS D 52 14.62 10.47 8.50
CA LYS D 52 14.77 11.75 9.20
C LYS D 52 14.80 11.51 10.69
N GLU D 53 13.91 10.67 11.19
CA GLU D 53 13.83 10.45 12.63
C GLU D 53 15.06 9.75 13.18
N PHE D 54 15.67 8.87 12.40
CA PHE D 54 16.95 8.30 12.81
C PHE D 54 18.07 9.34 12.75
N ASP D 55 18.23 9.99 11.59
CA ASP D 55 19.29 10.99 11.39
C ASP D 55 19.24 12.14 12.41
N ASP D 56 18.02 12.45 12.90
CA ASP D 56 17.83 13.38 14.04
C ASP D 56 18.64 13.00 15.29
N ARG D 57 18.92 11.71 15.50
CA ARG D 57 19.75 11.23 16.64
C ARG D 57 21.28 11.37 16.45
N ILE D 58 21.72 11.85 15.28
CA ILE D 58 23.15 11.88 14.92
C ILE D 58 23.60 13.34 14.74
N PRO D 59 24.10 13.96 15.82
CA PRO D 59 24.47 15.38 15.71
C PRO D 59 25.66 15.69 14.77
N THR D 60 26.50 14.69 14.48
CA THR D 60 27.60 14.84 13.52
C THR D 60 27.18 14.66 12.05
N LEU D 61 25.89 14.47 11.80
CA LEU D 61 25.36 14.29 10.44
C LEU D 61 26.00 15.28 9.48
N ASN D 62 26.57 14.75 8.40
CA ASN D 62 27.38 15.51 7.48
C ASN D 62 27.14 15.04 6.05
N LEU D 63 26.89 15.98 5.13
CA LEU D 63 26.53 15.63 3.75
C LEU D 63 27.65 14.95 2.93
N GLY D 64 28.88 15.46 3.07
CA GLY D 64 30.05 14.85 2.41
C GLY D 64 30.27 13.41 2.84
N ASP D 65 30.19 13.18 4.13
CA ASP D 65 30.29 11.86 4.69
C ASP D 65 29.16 10.92 4.23
N SER D 66 27.91 11.41 4.22
CA SER D 66 26.78 10.59 3.77
C SER D 66 26.91 10.22 2.30
N LYS D 67 27.45 11.14 1.49
CA LYS D 67 27.69 10.86 0.05
C LYS D 67 28.78 9.80 -0.17
N ILE D 68 29.85 9.90 0.59
CA ILE D 68 30.88 8.90 0.58
C ILE D 68 30.28 7.56 1.02
N ALA D 69 29.49 7.60 2.10
CA ALA D 69 28.87 6.42 2.68
C ALA D 69 27.97 5.67 1.69
N TYR D 70 27.15 6.43 0.96
CA TYR D 70 26.35 5.85 -0.11
C TYR D 70 27.23 5.00 -1.06
N VAL D 71 28.34 5.57 -1.49
CA VAL D 71 29.20 4.92 -2.49
C VAL D 71 29.83 3.63 -1.91
N VAL D 72 30.28 3.71 -0.65
CA VAL D 72 30.85 2.59 0.03
C VAL D 72 29.83 1.49 0.20
N GLU D 73 28.62 1.84 0.61
CA GLU D 73 27.54 0.85 0.76
C GLU D 73 27.17 0.23 -0.58
N PHE D 74 27.24 1.00 -1.65
CA PHE D 74 26.96 0.47 -2.97
C PHE D 74 27.94 -0.68 -3.28
N PHE D 75 29.22 -0.47 -2.98
CA PHE D 75 30.23 -1.52 -3.20
C PHE D 75 30.08 -2.69 -2.24
N GLU D 76 29.75 -2.43 -0.96
CA GLU D 76 29.39 -3.52 -0.04
C GLU D 76 28.23 -4.36 -0.61
N TRP D 77 27.22 -3.70 -1.18
CA TRP D 77 26.11 -4.44 -1.82
C TRP D 77 26.54 -5.19 -3.06
N PHE D 78 27.34 -4.54 -3.90
CA PHE D 78 27.80 -5.15 -5.14
C PHE D 78 28.66 -6.42 -4.81
N ASN D 79 29.40 -6.37 -3.71
CA ASN D 79 30.13 -7.55 -3.23
C ASN D 79 29.24 -8.73 -2.83
N THR D 80 28.00 -8.48 -2.38
CA THR D 80 27.06 -9.57 -2.08
C THR D 80 26.44 -10.22 -3.32
N LEU D 81 26.47 -9.49 -4.42
CA LEU D 81 25.91 -9.96 -5.67
C LEU D 81 26.84 -10.93 -6.38
N GLU D 82 28.14 -10.64 -6.33
CA GLU D 82 29.24 -11.59 -6.72
C GLU D 82 29.25 -11.96 -8.20
N THR D 83 28.85 -11.03 -9.05
CA THR D 83 28.80 -11.28 -10.51
C THR D 83 30.14 -11.30 -11.17
N PHE D 84 31.15 -10.77 -10.47
CA PHE D 84 32.56 -10.84 -10.91
C PHE D 84 33.34 -12.03 -10.32
N LYS D 85 32.72 -12.78 -9.42
CA LYS D 85 33.46 -13.81 -8.68
C LYS D 85 33.34 -15.15 -9.38
N ASN D 86 34.02 -15.25 -10.52
CA ASN D 86 34.06 -16.47 -11.33
C ASN D 86 34.61 -17.74 -10.62
N TRP D 87 35.29 -17.55 -9.49
CA TRP D 87 35.90 -18.65 -8.71
C TRP D 87 34.94 -19.33 -7.74
N LYS D 88 33.74 -18.81 -7.60
CA LYS D 88 32.73 -19.38 -6.69
C LYS D 88 31.92 -20.46 -7.38
N LYS D 89 31.75 -21.59 -6.70
CA LYS D 89 30.80 -22.62 -7.17
C LYS D 89 29.38 -22.03 -7.33
N LYS D 90 28.92 -21.34 -6.28
CA LYS D 90 27.56 -20.83 -6.23
C LYS D 90 27.60 -19.38 -5.79
N PRO D 91 27.84 -18.45 -6.73
CA PRO D 91 28.01 -17.05 -6.37
C PRO D 91 26.72 -16.36 -6.05
N GLY D 92 26.79 -15.42 -5.12
CA GLY D 92 25.65 -14.70 -4.62
C GLY D 92 25.47 -15.05 -3.16
N LYS D 93 25.57 -14.06 -2.27
CA LYS D 93 25.29 -14.28 -0.85
C LYS D 93 23.80 -14.46 -0.63
N PRO D 94 23.39 -14.84 0.58
CA PRO D 94 21.94 -15.09 0.73
C PRO D 94 21.09 -13.82 0.56
N LEU D 95 19.86 -14.00 0.10
CA LEU D 95 18.98 -12.90 -0.26
C LEU D 95 18.89 -11.85 0.84
N ASP D 96 18.66 -12.30 2.06
CA ASP D 96 18.55 -11.41 3.21
C ASP D 96 19.81 -10.57 3.41
N VAL D 97 20.97 -11.14 3.12
CA VAL D 97 22.21 -10.42 3.23
C VAL D 97 22.30 -9.39 2.12
N GLN D 98 21.93 -9.77 0.90
CA GLN D 98 21.94 -8.85 -0.21
C GLN D 98 21.00 -7.66 0.03
N LEU D 99 19.82 -7.96 0.57
CA LEU D 99 18.77 -6.93 0.78
C LEU D 99 19.15 -6.02 1.91
N ASP D 100 19.81 -6.60 2.92
CA ASP D 100 20.31 -5.80 4.04
C ASP D 100 21.27 -4.74 3.55
N GLU D 101 22.21 -5.13 2.69
CA GLU D 101 23.19 -4.19 2.13
C GLU D 101 22.50 -3.21 1.20
N LEU D 102 21.56 -3.67 0.40
CA LEU D 102 20.77 -2.76 -0.45
C LEU D 102 20.04 -1.72 0.41
N ALA D 103 19.55 -2.12 1.57
CA ALA D 103 18.87 -1.22 2.48
C ALA D 103 19.78 -0.15 3.03
N ASP D 104 21.07 -0.47 3.25
CA ASP D 104 22.04 0.54 3.67
C ASP D 104 22.26 1.61 2.62
N ILE D 105 22.18 1.26 1.34
CA ILE D 105 22.29 2.21 0.27
C ILE D 105 21.06 3.14 0.28
N LEU D 106 19.87 2.54 0.41
CA LEU D 106 18.63 3.32 0.48
C LEU D 106 18.71 4.35 1.58
N ALA D 107 19.19 3.91 2.75
CA ALA D 107 19.26 4.77 3.92
C ALA D 107 20.05 6.03 3.66
N PHE D 108 21.27 5.87 3.13
CA PHE D 108 22.07 7.04 2.78
C PHE D 108 21.46 7.87 1.63
N GLY D 109 20.82 7.20 0.68
CA GLY D 109 20.10 7.89 -0.40
C GLY D 109 18.96 8.76 0.16
N LEU D 110 18.15 8.18 1.04
CA LEU D 110 17.12 8.93 1.76
C LEU D 110 17.73 10.03 2.64
N SER D 111 18.83 9.72 3.31
CA SER D 111 19.49 10.71 4.16
C SER D 111 20.00 11.90 3.36
N ILE D 112 20.66 11.65 2.23
CA ILE D 112 21.13 12.72 1.35
C ILE D 112 19.93 13.58 0.89
N ALA D 113 18.85 12.92 0.49
CA ALA D 113 17.63 13.60 0.05
C ALA D 113 17.08 14.57 1.11
N ASN D 114 16.93 14.09 2.35
CA ASN D 114 16.47 14.94 3.45
C ASN D 114 17.41 16.08 3.78
N GLN D 115 18.71 15.78 3.80
CA GLN D 115 19.75 16.77 4.13
C GLN D 115 19.81 17.88 3.14
N GLN D 116 19.60 17.55 1.86
CA GLN D 116 19.53 18.59 0.79
C GLN D 116 18.16 19.33 0.70
N GLY D 117 17.09 18.71 1.22
CA GLY D 117 15.74 19.22 1.11
C GLY D 117 15.06 18.48 -0.03
N PHE D 118 13.92 17.85 0.26
CA PHE D 118 13.23 17.05 -0.72
C PHE D 118 11.75 17.39 -0.66
N GLU D 119 11.35 18.33 -1.51
CA GLU D 119 9.97 18.86 -1.55
C GLU D 119 9.16 18.08 -2.60
N GLU D 120 7.94 18.56 -2.84
CA GLU D 120 7.02 18.03 -3.87
C GLU D 120 7.65 17.96 -5.25
N TYR D 121 8.27 19.07 -5.67
CA TYR D 121 8.89 19.17 -6.99
C TYR D 121 9.99 18.11 -7.16
N ASP D 122 10.70 17.81 -6.08
CA ASP D 122 11.73 16.77 -6.07
C ASP D 122 11.09 15.38 -6.18
N ARG D 123 9.97 15.16 -5.47
CA ARG D 123 9.24 13.90 -5.55
C ARG D 123 8.70 13.70 -6.95
N ASP D 124 8.09 14.73 -7.52
CA ASP D 124 7.58 14.68 -8.90
C ASP D 124 8.66 14.26 -9.89
N LEU D 125 9.80 14.92 -9.80
CA LEU D 125 10.92 14.65 -10.70
C LEU D 125 11.48 13.23 -10.49
N PHE D 126 11.50 12.76 -9.24
CA PHE D 126 11.91 11.39 -8.98
C PHE D 126 11.06 10.35 -9.71
N PHE D 127 9.74 10.45 -9.58
CA PHE D 127 8.85 9.48 -10.22
C PHE D 127 8.89 9.60 -11.74
N GLU D 128 9.08 10.80 -12.25
CA GLU D 128 9.32 10.96 -13.66
C GLU D 128 10.66 10.27 -14.09
N SER D 129 11.75 10.47 -13.34
CA SER D 129 13.06 9.82 -13.67
C SER D 129 12.98 8.30 -13.56
N PHE D 130 12.35 7.81 -12.49
CA PHE D 130 12.14 6.40 -12.31
C PHE D 130 11.38 5.77 -13.46
N ASP D 131 10.22 6.35 -13.79
CA ASP D 131 9.37 5.88 -14.90
C ASP D 131 10.08 5.96 -16.24
N GLU D 132 10.98 6.93 -16.41
CA GLU D 132 11.66 7.17 -17.68
C GLU D 132 13.02 6.44 -17.77
N GLU D 133 13.34 5.62 -16.78
CA GLU D 133 14.61 4.90 -16.75
C GLU D 133 14.45 3.57 -17.49
N TYR D 134 15.07 3.39 -18.64
CA TYR D 134 14.89 2.11 -19.37
C TYR D 134 16.19 1.29 -19.51
N PHE D 135 17.34 1.83 -19.07
CA PHE D 135 18.62 1.15 -19.19
C PHE D 135 18.98 0.32 -17.94
N LEU D 136 18.55 0.74 -16.75
CA LEU D 136 18.88 0.00 -15.53
C LEU D 136 17.97 -1.21 -15.31
N ASP D 137 18.07 -2.20 -16.20
CA ASP D 137 17.25 -3.41 -16.14
C ASP D 137 18.09 -4.62 -15.64
N PHE D 138 17.45 -5.79 -15.54
CA PHE D 138 18.05 -7.01 -14.96
C PHE D 138 19.39 -7.41 -15.64
N PRO D 139 19.43 -7.61 -16.97
CA PRO D 139 20.70 -8.01 -17.61
C PRO D 139 21.84 -7.01 -17.41
N TYR D 140 21.53 -5.72 -17.48
CA TYR D 140 22.52 -4.67 -17.25
C TYR D 140 23.05 -4.76 -15.83
N LEU D 141 22.14 -4.88 -14.86
CA LEU D 141 22.55 -4.87 -13.45
C LEU D 141 23.27 -6.17 -13.02
N ARG D 142 23.06 -7.27 -13.75
CA ARG D 142 23.77 -8.55 -13.56
C ARG D 142 25.13 -8.61 -14.24
N ASN D 143 25.43 -7.63 -15.11
CA ASN D 143 26.71 -7.56 -15.77
C ASN D 143 27.71 -6.90 -14.81
N GLN D 144 28.80 -7.60 -14.51
CA GLN D 144 29.84 -7.05 -13.62
C GLN D 144 30.34 -5.69 -14.02
N ASP D 145 30.42 -5.47 -15.34
CA ASP D 145 31.00 -4.24 -15.86
C ASP D 145 30.18 -3.00 -15.53
N MET D 146 28.92 -3.17 -15.12
CA MET D 146 28.10 -2.04 -14.68
C MET D 146 28.77 -1.23 -13.57
N ILE D 147 29.60 -1.89 -12.74
CA ILE D 147 30.30 -1.18 -11.66
C ILE D 147 31.12 0.04 -12.16
N TYR D 148 31.69 -0.03 -13.37
CA TYR D 148 32.42 1.10 -13.95
C TYR D 148 31.53 2.29 -14.28
N ASP D 149 30.37 2.01 -14.85
CA ASP D 149 29.36 3.06 -15.11
C ASP D 149 28.94 3.75 -13.82
N MET D 150 28.70 2.95 -12.78
CA MET D 150 28.28 3.48 -11.48
C MET D 150 29.37 4.35 -10.84
N MET D 151 30.63 3.90 -10.95
CA MET D 151 31.79 4.69 -10.48
C MET D 151 31.84 6.05 -11.13
N SER D 152 31.70 6.08 -12.46
CA SER D 152 31.66 7.36 -13.21
C SER D 152 30.62 8.32 -12.66
N GLU D 153 29.42 7.80 -12.43
CA GLU D 153 28.35 8.61 -11.83
C GLU D 153 28.70 9.05 -10.40
N PHE D 154 29.39 8.18 -9.65
CA PHE D 154 29.75 8.50 -8.26
C PHE D 154 30.83 9.56 -8.09
N TYR D 155 31.75 9.71 -9.05
CA TYR D 155 32.76 10.79 -8.93
C TYR D 155 32.32 12.12 -9.58
N ASP D 156 31.23 12.09 -10.35
CA ASP D 156 30.61 13.29 -10.89
C ASP D 156 30.00 14.08 -9.75
N ASP D 157 30.49 15.30 -9.56
CA ASP D 157 29.97 16.18 -8.50
C ASP D 157 28.54 16.69 -8.76
N ASP D 158 28.05 16.56 -10.00
CA ASP D 158 26.66 16.86 -10.34
C ASP D 158 25.68 15.74 -10.04
N LEU D 159 26.15 14.57 -9.57
CA LEU D 159 25.23 13.51 -9.16
C LEU D 159 24.15 14.02 -8.23
N THR D 160 22.88 13.75 -8.56
CA THR D 160 21.76 14.29 -7.78
C THR D 160 21.24 13.29 -6.77
N SER D 161 20.56 13.82 -5.75
CA SER D 161 19.85 13.00 -4.76
C SER D 161 18.72 12.19 -5.39
N ILE D 162 18.09 12.75 -6.40
CA ILE D 162 17.08 12.01 -7.16
C ILE D 162 17.71 10.76 -7.82
N ARG D 163 18.84 10.96 -8.49
CA ARG D 163 19.49 9.90 -9.27
C ARG D 163 19.92 8.72 -8.38
N ARG D 164 20.51 9.04 -7.23
CA ARG D 164 20.87 8.06 -6.21
C ARG D 164 19.70 7.21 -5.79
N LEU D 165 18.52 7.83 -5.66
CA LEU D 165 17.30 7.08 -5.30
C LEU D 165 16.75 6.26 -6.47
N VAL D 166 16.80 6.82 -7.67
CA VAL D 166 16.44 6.05 -8.87
C VAL D 166 17.29 4.78 -8.96
N ILE D 167 18.60 4.90 -8.74
CA ILE D 167 19.50 3.76 -8.85
C ILE D 167 19.07 2.63 -7.89
N VAL D 168 18.95 2.96 -6.61
CA VAL D 168 18.62 1.95 -5.61
C VAL D 168 17.22 1.36 -5.83
N PHE D 169 16.23 2.18 -6.21
CA PHE D 169 14.89 1.63 -6.41
C PHE D 169 14.79 0.79 -7.68
N LYS D 170 15.50 1.16 -8.74
CA LYS D 170 15.57 0.27 -9.91
C LYS D 170 16.29 -1.07 -9.66
N ILE D 171 17.31 -1.08 -8.82
CA ILE D 171 17.95 -2.35 -8.41
C ILE D 171 16.96 -3.24 -7.67
N ALA D 172 16.21 -2.63 -6.76
CA ALA D 172 15.16 -3.33 -6.03
C ALA D 172 14.13 -3.89 -6.98
N GLU D 173 13.62 -3.03 -7.87
CA GLU D 173 12.56 -3.42 -8.81
C GLU D 173 12.98 -4.59 -9.73
N GLN D 174 14.22 -4.56 -10.19
CA GLN D 174 14.69 -5.47 -11.22
C GLN D 174 15.34 -6.76 -10.68
N LEU D 175 16.15 -6.65 -9.64
CA LEU D 175 16.83 -7.79 -9.06
C LEU D 175 16.12 -8.38 -7.86
N TYR D 176 15.34 -7.54 -7.14
CA TYR D 176 14.58 -8.01 -5.99
C TYR D 176 13.11 -7.64 -6.20
N THR D 177 12.42 -7.17 -5.16
CA THR D 177 11.26 -6.32 -5.31
C THR D 177 11.43 -5.10 -4.42
N ILE D 178 10.69 -4.03 -4.74
CA ILE D 178 10.64 -2.79 -3.95
C ILE D 178 10.17 -3.10 -2.55
N ASP D 179 9.11 -3.89 -2.46
CA ASP D 179 8.56 -4.41 -1.20
C ASP D 179 9.58 -5.11 -0.30
N GLN D 180 10.41 -5.97 -0.89
CA GLN D 180 11.50 -6.61 -0.13
C GLN D 180 12.55 -5.60 0.35
N LEU D 181 12.89 -4.61 -0.48
CA LEU D 181 13.77 -3.54 -0.03
C LEU D 181 13.15 -2.80 1.16
N ILE D 182 11.89 -2.37 1.01
CA ILE D 182 11.23 -1.59 2.06
C ILE D 182 11.20 -2.39 3.36
N ASP D 183 10.85 -3.67 3.27
CA ASP D 183 10.84 -4.60 4.41
C ASP D 183 12.23 -4.65 5.07
N ALA D 184 13.28 -4.87 4.26
CA ALA D 184 14.65 -4.98 4.78
C ALA D 184 15.13 -3.68 5.38
N TYR D 185 14.73 -2.57 4.77
CA TYR D 185 15.04 -1.25 5.31
C TYR D 185 14.40 -1.06 6.70
N LYS D 186 13.13 -1.39 6.81
CA LYS D 186 12.43 -1.17 8.08
C LYS D 186 13.07 -2.01 9.18
N LYS D 187 13.35 -3.28 8.91
CA LYS D 187 14.11 -4.15 9.83
C LYS D 187 15.46 -3.52 10.23
N LYS D 188 16.25 -3.14 9.24
CA LYS D 188 17.55 -2.54 9.50
C LYS D 188 17.45 -1.27 10.34
N MET D 189 16.47 -0.41 10.05
CA MET D 189 16.33 0.84 10.80
C MET D 189 15.95 0.62 12.26
N LYS D 190 15.08 -0.36 12.52
CA LYS D 190 14.79 -0.81 13.89
C LYS D 190 16.08 -1.28 14.61
N ARG D 191 16.86 -2.13 13.95
CA ARG D 191 18.17 -2.56 14.48
C ARG D 191 19.10 -1.37 14.72
N ASN D 192 19.18 -0.47 13.75
CA ASN D 192 19.97 0.75 13.90
C ASN D 192 19.55 1.59 15.10
N HIS D 193 18.24 1.68 15.36
CA HIS D 193 17.75 2.43 16.53
C HIS D 193 18.20 1.77 17.81
N GLU D 194 18.22 0.44 17.81
CA GLU D 194 18.73 -0.34 18.94
C GLU D 194 20.25 -0.21 19.13
N ARG D 195 21.00 0.02 18.04
CA ARG D 195 22.45 0.35 18.14
C ARG D 195 22.67 1.58 19.02
N GLN D 196 22.06 2.70 18.62
CA GLN D 196 22.18 3.96 19.35
C GLN D 196 21.58 3.84 20.76
N ASP D 197 20.58 2.96 20.93
CA ASP D 197 20.05 2.58 22.26
C ASP D 197 20.96 1.57 22.94
#